data_8F9S
#
_entry.id   8F9S
#
_cell.length_a   45.479
_cell.length_b   77.853
_cell.length_c   123.649
_cell.angle_alpha   90.000
_cell.angle_beta   91.680
_cell.angle_gamma   90.000
#
_symmetry.space_group_name_H-M   'P 1 21 1'
#
loop_
_entity.id
_entity.type
_entity.pdbx_description
1 polymer 'Ky15.2 Antibody, heavy chain'
2 polymer 'Ky15.2 Antibody, light chain'
3 polymer 'Circumsporozoite protein NDN peptide'
4 non-polymer 1,2-ETHANEDIOL
5 water water
#
loop_
_entity_poly.entity_id
_entity_poly.type
_entity_poly.pdbx_seq_one_letter_code
_entity_poly.pdbx_strand_id
1 'polypeptide(L)'
;QVLLVESGGGVVQPGTSLRLSCVASGFSFSTYGMHWVRQSPGKGLEWVAIIWYDGGNKFYADSVQGRFTVSRDNSKNTLY
LQMNSLRAEDTAVYYCAKAYRTSLDKKYGMDVWGQGTTVTVSSASTKGPSVFPLAPSSKSTSGGTAALGCLVKDYFPEPV
TVSWNSGALTSGVHTFPAVLQSSGLYSLSSVVTVPSSSLGTQTYICNVNHKPSNTKVDKKVEPKSC
;
H,A
2 'polypeptide(L)'
;DIQMTQSPSTLSASVGDRVTITCRASQSIASWLAWYQQKPGKAPKLLIYKASSLESGVPSRFSGSGSGTEFTLTISSLHP
DDFATYFCQQFTSYWTFGQGTKVEIKRTVAAPSVFIFPPSDEQLKSGTASVVCLLNNFYPREAKVQWKVDNALQSGNSQE
SVTEQDSKDSTYSLSSTLTLSKADYEKHKVYACEVTHQGLSSPVTKSFNRGEC
;
L,B
3 'polypeptide(L)' NANPNVDPNANP C,P
#
# COMPACT_ATOMS: atom_id res chain seq x y z
N GLN A 1 -5.88 -45.10 9.04
CA GLN A 1 -6.60 -43.93 9.51
C GLN A 1 -7.07 -43.07 8.33
N VAL A 2 -8.21 -42.40 8.51
CA VAL A 2 -8.72 -41.50 7.48
C VAL A 2 -7.75 -40.35 7.29
N LEU A 3 -7.33 -40.11 6.06
CA LEU A 3 -6.38 -39.05 5.77
C LEU A 3 -6.70 -38.41 4.43
N LEU A 4 -6.67 -37.07 4.41
CA LEU A 4 -6.88 -36.28 3.21
C LEU A 4 -5.71 -35.33 3.03
N VAL A 5 -5.25 -35.17 1.80
CA VAL A 5 -4.07 -34.34 1.50
C VAL A 5 -4.38 -33.47 0.30
N GLU A 6 -4.46 -32.16 0.51
CA GLU A 6 -4.73 -31.21 -0.55
C GLU A 6 -3.44 -30.86 -1.30
N SER A 7 -3.60 -30.50 -2.57
CA SER A 7 -2.48 -30.07 -3.39
C SER A 7 -2.99 -29.14 -4.48
N GLY A 8 -2.06 -28.44 -5.13
CA GLY A 8 -2.38 -27.56 -6.24
C GLY A 8 -2.34 -26.08 -5.92
N GLY A 9 -2.19 -25.71 -4.65
CA GLY A 9 -2.15 -24.31 -4.28
C GLY A 9 -0.84 -23.66 -4.67
N GLY A 10 -0.83 -22.33 -4.57
CA GLY A 10 0.34 -21.56 -4.90
C GLY A 10 -0.04 -20.12 -5.19
N VAL A 11 0.93 -19.40 -5.76
CA VAL A 11 0.74 -18.02 -6.17
C VAL A 11 0.15 -18.00 -7.57
N VAL A 12 -0.88 -17.18 -7.78
CA VAL A 12 -1.59 -17.13 -9.04
C VAL A 12 -2.02 -15.69 -9.33
N GLN A 13 -2.07 -15.35 -10.61
CA GLN A 13 -2.43 -14.02 -11.05
C GLN A 13 -3.96 -13.85 -11.07
N PRO A 14 -4.45 -12.65 -10.78
CA PRO A 14 -5.91 -12.44 -10.79
C PRO A 14 -6.52 -12.71 -12.16
N GLY A 15 -7.75 -13.20 -12.15
CA GLY A 15 -8.47 -13.50 -13.37
C GLY A 15 -8.07 -14.77 -14.07
N THR A 16 -7.16 -15.56 -13.50
CA THR A 16 -6.73 -16.81 -14.09
C THR A 16 -7.43 -17.98 -13.39
N SER A 17 -7.11 -19.19 -13.83
CA SER A 17 -7.73 -20.41 -13.34
C SER A 17 -6.72 -21.29 -12.63
N LEU A 18 -7.22 -22.10 -11.69
CA LEU A 18 -6.40 -22.97 -10.88
C LEU A 18 -7.26 -24.14 -10.40
N ARG A 19 -6.73 -25.35 -10.50
CA ARG A 19 -7.42 -26.53 -10.03
C ARG A 19 -6.69 -27.11 -8.82
N LEU A 20 -7.41 -27.26 -7.71
CA LEU A 20 -6.91 -27.91 -6.51
C LEU A 20 -7.28 -29.38 -6.52
N SER A 21 -6.51 -30.17 -5.77
CA SER A 21 -6.73 -31.61 -5.68
CA SER A 21 -6.71 -31.60 -5.68
C SER A 21 -6.71 -32.03 -4.22
N CYS A 22 -7.53 -33.03 -3.90
CA CYS A 22 -7.62 -33.60 -2.56
C CYS A 22 -7.59 -35.12 -2.69
N VAL A 23 -6.59 -35.75 -2.09
CA VAL A 23 -6.36 -37.18 -2.19
C VAL A 23 -6.79 -37.85 -0.88
N ALA A 24 -7.55 -38.93 -0.99
CA ALA A 24 -8.12 -39.62 0.16
C ALA A 24 -7.51 -41.00 0.33
N SER A 25 -7.29 -41.40 1.58
CA SER A 25 -6.88 -42.75 1.92
C SER A 25 -7.46 -43.10 3.27
N GLY A 26 -7.51 -44.40 3.56
CA GLY A 26 -7.99 -44.88 4.83
C GLY A 26 -9.48 -45.08 4.95
N PHE A 27 -10.23 -44.91 3.86
CA PHE A 27 -11.67 -45.12 3.85
C PHE A 27 -12.12 -45.29 2.40
N SER A 28 -13.36 -45.73 2.22
CA SER A 28 -13.92 -45.96 0.89
C SER A 28 -14.39 -44.63 0.34
N PHE A 29 -13.50 -43.98 -0.42
CA PHE A 29 -13.76 -42.64 -0.95
C PHE A 29 -15.04 -42.61 -1.77
N SER A 30 -15.27 -43.63 -2.60
CA SER A 30 -16.41 -43.65 -3.51
C SER A 30 -17.76 -43.61 -2.79
N THR A 31 -17.80 -43.82 -1.47
CA THR A 31 -19.07 -43.93 -0.75
C THR A 31 -19.37 -42.73 0.11
N TYR A 32 -18.59 -41.66 0.03
CA TYR A 32 -18.73 -40.51 0.91
C TYR A 32 -18.88 -39.23 0.13
N GLY A 33 -19.77 -38.36 0.59
CA GLY A 33 -19.75 -36.98 0.15
C GLY A 33 -18.51 -36.26 0.65
N MET A 34 -18.12 -35.21 -0.07
CA MET A 34 -16.88 -34.49 0.20
C MET A 34 -17.11 -32.99 0.13
N HIS A 35 -16.35 -32.26 0.94
CA HIS A 35 -16.49 -30.82 1.08
C HIS A 35 -15.17 -30.10 0.74
N TRP A 36 -15.32 -28.83 0.37
CA TRP A 36 -14.22 -27.87 0.32
C TRP A 36 -14.56 -26.71 1.24
N VAL A 37 -13.62 -26.35 2.11
CA VAL A 37 -13.76 -25.22 3.03
C VAL A 37 -12.48 -24.38 2.94
N ARG A 38 -12.63 -23.06 3.06
CA ARG A 38 -11.49 -22.16 2.99
C ARG A 38 -11.42 -21.27 4.23
N GLN A 39 -10.19 -20.84 4.56
CA GLN A 39 -9.93 -20.05 5.75
C GLN A 39 -9.00 -18.90 5.39
N SER A 40 -9.44 -17.69 5.67
CA SER A 40 -8.71 -16.45 5.45
C SER A 40 -8.88 -15.56 6.67
N PRO A 41 -7.91 -14.70 6.96
CA PRO A 41 -8.12 -13.75 8.07
C PRO A 41 -9.33 -12.86 7.84
N GLY A 42 -9.62 -12.53 6.58
CA GLY A 42 -10.69 -11.58 6.32
C GLY A 42 -12.08 -12.16 6.53
N LYS A 43 -12.28 -13.41 6.16
CA LYS A 43 -13.61 -14.01 6.19
C LYS A 43 -13.70 -15.25 7.07
N GLY A 44 -12.65 -15.57 7.82
CA GLY A 44 -12.72 -16.70 8.73
C GLY A 44 -12.87 -18.02 8.00
N LEU A 45 -13.49 -18.99 8.68
CA LEU A 45 -13.82 -20.27 8.06
C LEU A 45 -15.10 -20.12 7.26
N GLU A 46 -15.04 -20.52 5.98
CA GLU A 46 -16.12 -20.31 5.04
C GLU A 46 -16.26 -21.55 4.17
N TRP A 47 -17.42 -22.19 4.23
CA TRP A 47 -17.70 -23.33 3.38
C TRP A 47 -17.78 -22.90 1.93
N VAL A 48 -17.27 -23.74 1.03
CA VAL A 48 -17.16 -23.42 -0.39
C VAL A 48 -18.07 -24.31 -1.24
N ALA A 49 -17.96 -25.63 -1.07
CA ALA A 49 -18.71 -26.54 -1.94
C ALA A 49 -18.82 -27.91 -1.31
N ILE A 50 -19.81 -28.67 -1.80
CA ILE A 50 -20.01 -30.07 -1.43
C ILE A 50 -20.35 -30.84 -2.70
N ILE A 51 -19.90 -32.09 -2.77
CA ILE A 51 -20.22 -32.97 -3.89
C ILE A 51 -20.64 -34.33 -3.34
N TRP A 52 -21.70 -34.88 -3.92
CA TRP A 52 -22.23 -36.17 -3.52
C TRP A 52 -21.23 -37.28 -3.87
N TYR A 53 -21.41 -38.44 -3.22
CA TYR A 53 -20.54 -39.60 -3.38
C TYR A 53 -20.35 -39.95 -4.84
N ASP A 54 -21.42 -39.89 -5.64
CA ASP A 54 -21.36 -40.29 -7.04
C ASP A 54 -20.95 -39.17 -7.97
N GLY A 55 -20.61 -37.99 -7.44
CA GLY A 55 -20.23 -36.87 -8.28
C GLY A 55 -21.37 -36.13 -8.94
N GLY A 56 -22.61 -36.49 -8.62
CA GLY A 56 -23.78 -35.87 -9.23
C GLY A 56 -24.19 -34.56 -8.60
N ASN A 57 -24.84 -34.64 -7.43
CA ASN A 57 -25.29 -33.43 -6.75
C ASN A 57 -24.09 -32.60 -6.30
N LYS A 58 -24.14 -31.30 -6.59
CA LYS A 58 -23.10 -30.35 -6.22
C LYS A 58 -23.76 -29.06 -5.76
N PHE A 59 -23.26 -28.49 -4.65
CA PHE A 59 -23.78 -27.24 -4.14
C PHE A 59 -22.62 -26.32 -3.77
N TYR A 60 -22.83 -25.01 -3.92
CA TYR A 60 -21.76 -24.03 -3.80
C TYR A 60 -22.18 -22.87 -2.92
N ALA A 61 -21.20 -22.23 -2.31
CA ALA A 61 -21.44 -20.97 -1.63
C ALA A 61 -21.68 -19.86 -2.66
N ASP A 62 -22.46 -18.86 -2.27
CA ASP A 62 -22.73 -17.73 -3.15
C ASP A 62 -21.45 -17.01 -3.55
N SER A 63 -20.47 -16.94 -2.64
CA SER A 63 -19.23 -16.24 -2.92
C SER A 63 -18.46 -16.85 -4.08
N VAL A 64 -18.67 -18.13 -4.38
CA VAL A 64 -17.92 -18.84 -5.40
C VAL A 64 -18.79 -19.39 -6.51
N GLN A 65 -20.11 -19.19 -6.44
CA GLN A 65 -21.01 -19.78 -7.42
C GLN A 65 -20.80 -19.14 -8.80
N GLY A 66 -20.72 -19.99 -9.82
CA GLY A 66 -20.47 -19.52 -11.17
C GLY A 66 -19.02 -19.38 -11.54
N ARG A 67 -18.11 -19.34 -10.57
CA ARG A 67 -16.67 -19.28 -10.81
C ARG A 67 -15.93 -20.54 -10.42
N PHE A 68 -16.38 -21.24 -9.38
CA PHE A 68 -15.75 -22.46 -8.91
C PHE A 68 -16.61 -23.65 -9.27
N THR A 69 -15.96 -24.78 -9.55
CA THR A 69 -16.66 -26.03 -9.91
C THR A 69 -15.99 -27.18 -9.18
N VAL A 70 -16.79 -28.01 -8.50
CA VAL A 70 -16.29 -29.16 -7.76
C VAL A 70 -16.52 -30.42 -8.59
N SER A 71 -15.55 -31.34 -8.52
CA SER A 71 -15.61 -32.59 -9.25
C SER A 71 -14.87 -33.65 -8.46
N ARG A 72 -14.93 -34.89 -8.94
CA ARG A 72 -14.23 -35.99 -8.30
C ARG A 72 -14.00 -37.11 -9.30
N ASP A 73 -12.87 -37.80 -9.13
CA ASP A 73 -12.53 -39.00 -9.89
C ASP A 73 -12.40 -40.12 -8.87
N ASN A 74 -13.48 -40.90 -8.70
CA ASN A 74 -13.47 -41.93 -7.68
C ASN A 74 -12.47 -43.03 -7.99
N SER A 75 -12.09 -43.20 -9.26
CA SER A 75 -11.08 -44.20 -9.60
CA SER A 75 -11.07 -44.19 -9.61
C SER A 75 -9.69 -43.77 -9.13
N LYS A 76 -9.46 -42.47 -8.99
CA LYS A 76 -8.18 -41.95 -8.53
C LYS A 76 -8.23 -41.51 -7.08
N ASN A 77 -9.33 -41.75 -6.38
CA ASN A 77 -9.50 -41.34 -4.98
C ASN A 77 -9.18 -39.87 -4.80
N THR A 78 -9.62 -39.05 -5.77
CA THR A 78 -9.23 -37.66 -5.82
C THR A 78 -10.46 -36.76 -5.96
N LEU A 79 -10.51 -35.73 -5.12
CA LEU A 79 -11.50 -34.66 -5.19
C LEU A 79 -10.85 -33.43 -5.79
N TYR A 80 -11.61 -32.66 -6.58
CA TYR A 80 -11.08 -31.51 -7.28
C TYR A 80 -11.92 -30.27 -7.02
N LEU A 81 -11.25 -29.11 -7.04
CA LEU A 81 -11.91 -27.80 -7.03
C LEU A 81 -11.29 -26.96 -8.13
N GLN A 82 -12.06 -26.71 -9.20
CA GLN A 82 -11.64 -25.83 -10.27
C GLN A 82 -12.07 -24.41 -9.93
N MET A 83 -11.10 -23.50 -9.82
CA MET A 83 -11.34 -22.11 -9.49
C MET A 83 -11.04 -21.25 -10.71
N ASN A 84 -12.04 -20.47 -11.13
CA ASN A 84 -11.94 -19.63 -12.31
C ASN A 84 -12.23 -18.18 -11.93
N SER A 85 -11.73 -17.27 -12.76
CA SER A 85 -11.88 -15.83 -12.54
C SER A 85 -11.43 -15.47 -11.13
N LEU A 86 -10.25 -15.96 -10.76
CA LEU A 86 -9.74 -15.77 -9.40
C LEU A 86 -9.52 -14.29 -9.10
N ARG A 87 -9.88 -13.88 -7.89
CA ARG A 87 -9.71 -12.52 -7.43
C ARG A 87 -9.03 -12.53 -6.07
N ALA A 88 -8.65 -11.33 -5.61
CA ALA A 88 -7.84 -11.21 -4.41
C ALA A 88 -8.55 -11.76 -3.18
N GLU A 89 -9.88 -11.65 -3.13
CA GLU A 89 -10.62 -12.15 -1.98
C GLU A 89 -10.63 -13.67 -1.89
N ASP A 90 -10.16 -14.37 -2.91
CA ASP A 90 -10.06 -15.82 -2.88
C ASP A 90 -8.78 -16.32 -2.24
N THR A 91 -7.88 -15.43 -1.85
CA THR A 91 -6.68 -15.83 -1.15
C THR A 91 -7.04 -16.43 0.20
N ALA A 92 -6.66 -17.69 0.42
CA ALA A 92 -7.02 -18.40 1.64
C ALA A 92 -6.30 -19.75 1.64
N VAL A 93 -6.36 -20.41 2.79
CA VAL A 93 -6.00 -21.82 2.89
C VAL A 93 -7.25 -22.65 2.58
N TYR A 94 -7.14 -23.55 1.61
CA TYR A 94 -8.28 -24.34 1.17
C TYR A 94 -8.15 -25.75 1.75
N TYR A 95 -9.16 -26.15 2.53
CA TYR A 95 -9.22 -27.45 3.15
C TYR A 95 -10.26 -28.32 2.44
N CYS A 96 -9.99 -29.62 2.42
CA CYS A 96 -10.97 -30.59 1.96
CA CYS A 96 -10.90 -30.64 1.94
C CYS A 96 -11.41 -31.44 3.14
N ALA A 97 -12.69 -31.81 3.12
CA ALA A 97 -13.28 -32.48 4.28
C ALA A 97 -14.25 -33.58 3.86
N LYS A 98 -14.26 -34.64 4.65
CA LYS A 98 -15.09 -35.81 4.42
C LYS A 98 -16.42 -35.66 5.13
N ALA A 99 -17.51 -35.99 4.44
CA ALA A 99 -18.83 -35.93 5.05
C ALA A 99 -18.94 -36.97 6.17
N TYR A 100 -19.75 -36.64 7.18
CA TYR A 100 -19.98 -37.56 8.28
C TYR A 100 -20.73 -38.78 7.78
N ARG A 101 -20.51 -39.91 8.47
CA ARG A 101 -21.04 -41.19 7.99
C ARG A 101 -22.56 -41.23 8.13
N THR A 102 -23.16 -42.11 7.33
CA THR A 102 -24.62 -42.27 7.33
C THR A 102 -25.12 -42.77 8.68
N SER A 103 -26.21 -42.17 9.15
CA SER A 103 -26.86 -42.60 10.39
C SER A 103 -28.37 -42.38 10.21
N LEU A 104 -29.10 -42.43 11.33
CA LEU A 104 -30.51 -42.07 11.27
C LEU A 104 -30.72 -40.57 11.17
N ASP A 105 -29.68 -39.78 11.37
CA ASP A 105 -29.77 -38.33 11.26
C ASP A 105 -30.24 -37.90 9.87
N LYS A 106 -30.94 -36.76 9.82
CA LYS A 106 -31.34 -36.17 8.55
C LYS A 106 -30.42 -35.06 8.08
N LYS A 107 -29.57 -34.52 8.96
CA LYS A 107 -28.63 -33.47 8.62
C LYS A 107 -27.21 -33.98 8.86
N TYR A 108 -26.28 -33.54 8.00
CA TYR A 108 -24.92 -34.11 8.00
C TYR A 108 -23.88 -33.01 7.92
N GLY A 109 -22.90 -33.10 8.81
CA GLY A 109 -21.73 -32.24 8.84
C GLY A 109 -20.52 -32.92 8.23
N MET A 110 -19.35 -32.72 8.83
CA MET A 110 -18.10 -33.29 8.37
CA MET A 110 -18.10 -33.30 8.36
C MET A 110 -17.22 -33.63 9.55
N ASP A 111 -16.43 -34.70 9.43
CA ASP A 111 -15.57 -35.14 10.51
C ASP A 111 -14.08 -34.91 10.24
N VAL A 112 -13.50 -35.51 9.21
CA VAL A 112 -12.05 -35.42 9.00
C VAL A 112 -11.74 -34.38 7.92
N TRP A 113 -10.78 -33.51 8.22
CA TRP A 113 -10.26 -32.52 7.27
C TRP A 113 -8.83 -32.87 6.88
N GLY A 114 -8.39 -32.30 5.75
CA GLY A 114 -7.01 -32.41 5.33
C GLY A 114 -6.16 -31.26 5.84
N GLN A 115 -4.86 -31.33 5.53
CA GLN A 115 -3.92 -30.34 6.06
C GLN A 115 -4.14 -28.96 5.44
N GLY A 116 -4.59 -28.91 4.21
CA GLY A 116 -4.86 -27.64 3.56
C GLY A 116 -3.78 -27.25 2.57
N THR A 117 -4.17 -26.49 1.55
CA THR A 117 -3.24 -25.94 0.57
C THR A 117 -3.51 -24.45 0.42
N THR A 118 -2.44 -23.67 0.25
CA THR A 118 -2.52 -22.22 0.28
C THR A 118 -2.60 -21.67 -1.13
N VAL A 119 -3.63 -20.86 -1.39
CA VAL A 119 -3.81 -20.18 -2.67
C VAL A 119 -3.63 -18.68 -2.41
N THR A 120 -2.65 -18.09 -3.09
CA THR A 120 -2.38 -16.66 -2.97
C THR A 120 -2.61 -16.02 -4.33
N VAL A 121 -3.58 -15.12 -4.41
CA VAL A 121 -3.85 -14.35 -5.62
C VAL A 121 -3.09 -13.03 -5.53
N SER A 122 -2.13 -12.85 -6.44
CA SER A 122 -1.28 -11.66 -6.40
C SER A 122 -0.68 -11.43 -7.78
N SER A 123 -0.43 -10.17 -8.09
CA SER A 123 0.19 -9.79 -9.35
C SER A 123 1.71 -9.70 -9.26
N ALA A 124 2.29 -10.01 -8.11
CA ALA A 124 3.71 -9.80 -7.90
C ALA A 124 4.55 -10.81 -8.69
N SER A 125 5.82 -10.46 -8.87
CA SER A 125 6.80 -11.30 -9.54
C SER A 125 7.78 -11.87 -8.51
N THR A 126 8.39 -13.00 -8.88
CA THR A 126 9.35 -13.65 -7.99
C THR A 126 10.58 -12.77 -7.82
N LYS A 127 10.84 -12.37 -6.57
CA LYS A 127 11.93 -11.46 -6.24
C LYS A 127 12.71 -12.00 -5.05
N GLY A 128 14.03 -11.92 -5.15
CA GLY A 128 14.92 -12.32 -4.07
C GLY A 128 14.96 -11.27 -2.98
N PRO A 129 15.28 -11.69 -1.76
CA PRO A 129 15.23 -10.77 -0.62
C PRO A 129 16.48 -9.92 -0.50
N SER A 130 16.29 -8.74 0.09
CA SER A 130 17.37 -7.84 0.45
C SER A 130 17.57 -7.93 1.96
N VAL A 131 18.70 -8.47 2.39
CA VAL A 131 18.98 -8.74 3.80
C VAL A 131 19.78 -7.57 4.37
N PHE A 132 19.18 -6.86 5.32
CA PHE A 132 19.81 -5.71 5.95
C PHE A 132 20.11 -6.01 7.42
N PRO A 133 21.27 -5.58 7.93
CA PRO A 133 21.61 -5.90 9.32
C PRO A 133 20.87 -5.03 10.32
N LEU A 134 20.43 -5.68 11.40
CA LEU A 134 19.90 -4.98 12.58
C LEU A 134 21.03 -4.96 13.61
N ALA A 135 21.76 -3.87 13.63
CA ALA A 135 23.07 -3.85 14.29
C ALA A 135 22.92 -3.67 15.80
N PRO A 136 23.67 -4.42 16.59
CA PRO A 136 23.69 -4.18 18.04
C PRO A 136 24.30 -2.83 18.37
N SER A 137 23.79 -2.21 19.44
CA SER A 137 24.24 -0.90 19.85
C SER A 137 23.79 -0.66 21.29
N SER A 138 24.12 0.54 21.80
CA SER A 138 23.68 0.93 23.15
C SER A 138 22.16 0.98 23.25
N LYS A 139 21.47 1.17 22.13
CA LYS A 139 20.01 1.23 22.10
C LYS A 139 19.38 -0.13 21.90
N SER A 140 20.18 -1.18 21.68
CA SER A 140 19.71 -2.55 21.57
C SER A 140 20.32 -3.43 22.67
N THR A 141 20.60 -2.85 23.83
CA THR A 141 21.12 -3.58 24.97
C THR A 141 20.15 -3.47 26.14
N SER A 142 20.01 -4.56 26.88
CA SER A 142 19.22 -4.60 28.11
C SER A 142 19.98 -5.44 29.11
N GLY A 143 20.41 -4.81 30.21
CA GLY A 143 21.28 -5.51 31.15
C GLY A 143 22.57 -5.89 30.47
N GLY A 144 23.00 -7.13 30.68
CA GLY A 144 24.16 -7.67 29.99
C GLY A 144 23.83 -8.37 28.70
N THR A 145 22.62 -8.22 28.19
CA THR A 145 22.14 -8.88 27.00
C THR A 145 21.99 -7.86 25.87
N ALA A 146 22.43 -8.25 24.68
CA ALA A 146 22.35 -7.40 23.50
C ALA A 146 21.56 -8.13 22.42
N ALA A 147 20.74 -7.37 21.70
CA ALA A 147 19.95 -7.91 20.60
C ALA A 147 20.50 -7.42 19.28
N LEU A 148 20.42 -8.29 18.29
CA LEU A 148 20.92 -8.06 16.94
C LEU A 148 20.11 -8.93 16.00
N GLY A 149 20.18 -8.64 14.71
CA GLY A 149 19.39 -9.45 13.80
C GLY A 149 19.61 -9.08 12.35
N CYS A 150 18.71 -9.61 11.52
CA CYS A 150 18.72 -9.42 10.07
C CYS A 150 17.31 -9.14 9.60
N LEU A 151 17.16 -8.03 8.87
CA LEU A 151 15.90 -7.66 8.25
C LEU A 151 15.89 -8.19 6.82
N VAL A 152 14.96 -9.10 6.53
CA VAL A 152 14.80 -9.69 5.22
C VAL A 152 13.60 -9.00 4.56
N LYS A 153 13.86 -8.11 3.61
CA LYS A 153 12.85 -7.21 3.09
C LYS A 153 12.65 -7.45 1.59
N ASP A 154 11.40 -7.21 1.15
CA ASP A 154 11.02 -7.16 -0.25
C ASP A 154 11.35 -8.47 -0.98
N TYR A 155 10.74 -9.55 -0.51
CA TYR A 155 10.85 -10.84 -1.19
C TYR A 155 9.47 -11.35 -1.59
N PHE A 156 9.47 -12.29 -2.53
CA PHE A 156 8.25 -12.89 -3.05
C PHE A 156 8.60 -14.08 -3.93
N PRO A 157 7.88 -15.22 -3.81
CA PRO A 157 6.82 -15.42 -2.82
C PRO A 157 7.36 -15.91 -1.47
N GLU A 158 6.48 -16.45 -0.65
CA GLU A 158 6.91 -17.18 0.53
C GLU A 158 7.49 -18.52 0.12
N PRO A 159 8.31 -19.15 0.97
CA PRO A 159 8.82 -18.70 2.26
C PRO A 159 10.33 -18.43 2.24
N VAL A 160 10.82 -17.88 3.34
CA VAL A 160 12.25 -17.62 3.55
C VAL A 160 12.71 -18.39 4.78
N THR A 161 13.86 -19.04 4.70
CA THR A 161 14.45 -19.74 5.83
C THR A 161 15.63 -18.92 6.35
N VAL A 162 15.70 -18.77 7.67
CA VAL A 162 16.76 -18.02 8.33
C VAL A 162 17.39 -18.91 9.39
N SER A 163 18.70 -19.10 9.29
CA SER A 163 19.49 -19.75 10.33
C SER A 163 20.59 -18.80 10.77
N TRP A 164 21.27 -19.16 11.85
CA TRP A 164 22.34 -18.34 12.41
C TRP A 164 23.58 -19.19 12.60
N ASN A 165 24.72 -18.68 12.14
CA ASN A 165 26.00 -19.38 12.21
C ASN A 165 25.91 -20.78 11.61
N SER A 166 25.22 -20.87 10.45
CA SER A 166 25.05 -22.12 9.71
C SER A 166 24.36 -23.19 10.55
N GLY A 167 23.55 -22.78 11.51
CA GLY A 167 22.82 -23.71 12.36
C GLY A 167 23.49 -24.03 13.68
N ALA A 168 24.70 -23.52 13.92
CA ALA A 168 25.38 -23.78 15.18
C ALA A 168 24.84 -22.95 16.34
N LEU A 169 24.09 -21.89 16.04
CA LEU A 169 23.47 -21.05 17.06
C LEU A 169 21.97 -21.30 17.02
N THR A 170 21.43 -21.91 18.08
CA THR A 170 20.04 -22.33 18.11
C THR A 170 19.26 -21.75 19.29
N SER A 171 19.91 -21.03 20.20
CA SER A 171 19.24 -20.45 21.35
C SER A 171 19.10 -18.95 21.18
N GLY A 172 18.07 -18.39 21.82
CA GLY A 172 17.84 -16.95 21.80
C GLY A 172 17.36 -16.38 20.50
N VAL A 173 16.97 -17.22 19.55
CA VAL A 173 16.57 -16.79 18.21
C VAL A 173 15.05 -16.65 18.15
N HIS A 174 14.58 -15.53 17.62
CA HIS A 174 13.18 -15.31 17.28
C HIS A 174 13.10 -14.85 15.83
N THR A 175 12.63 -15.72 14.95
CA THR A 175 12.36 -15.36 13.57
C THR A 175 10.87 -15.12 13.42
N PHE A 176 10.50 -13.89 13.09
CA PHE A 176 9.12 -13.42 13.12
C PHE A 176 8.37 -13.83 11.86
N PRO A 177 7.06 -14.07 11.97
CA PRO A 177 6.26 -14.33 10.77
C PRO A 177 6.30 -13.14 9.83
N ALA A 178 6.23 -13.43 8.53
CA ALA A 178 6.29 -12.38 7.53
C ALA A 178 5.03 -11.52 7.57
N VAL A 179 5.17 -10.28 7.13
CA VAL A 179 4.06 -9.36 6.96
C VAL A 179 3.99 -8.96 5.50
N LEU A 180 2.78 -8.81 4.98
CA LEU A 180 2.57 -8.40 3.60
C LEU A 180 2.55 -6.89 3.54
N GLN A 181 3.57 -6.31 2.91
CA GLN A 181 3.65 -4.86 2.75
C GLN A 181 2.66 -4.40 1.68
N SER A 182 2.39 -3.09 1.69
CA SER A 182 1.47 -2.52 0.70
C SER A 182 1.97 -2.72 -0.73
N SER A 183 3.27 -2.93 -0.90
CA SER A 183 3.86 -3.21 -2.20
C SER A 183 3.49 -4.59 -2.73
N GLY A 184 2.89 -5.46 -1.92
CA GLY A 184 2.66 -6.83 -2.30
C GLY A 184 3.82 -7.76 -2.02
N LEU A 185 4.96 -7.23 -1.57
CA LEU A 185 6.12 -8.03 -1.21
C LEU A 185 6.10 -8.33 0.28
N TYR A 186 6.95 -9.27 0.69
CA TYR A 186 6.99 -9.75 2.06
C TYR A 186 8.27 -9.30 2.75
N SER A 187 8.18 -9.02 4.04
CA SER A 187 9.33 -8.64 4.87
C SER A 187 9.18 -9.25 6.25
N LEU A 188 10.23 -9.93 6.70
CA LEU A 188 10.30 -10.48 8.03
C LEU A 188 11.63 -10.09 8.66
N SER A 189 11.77 -10.44 9.94
CA SER A 189 12.96 -10.14 10.73
CA SER A 189 12.96 -10.14 10.73
C SER A 189 13.30 -11.31 11.63
N SER A 190 14.59 -11.60 11.72
CA SER A 190 15.13 -12.60 12.65
C SER A 190 16.08 -11.89 13.60
N VAL A 191 15.86 -12.09 14.89
CA VAL A 191 16.62 -11.44 15.94
C VAL A 191 17.16 -12.51 16.88
N VAL A 192 18.30 -12.22 17.50
CA VAL A 192 18.89 -13.10 18.50
CA VAL A 192 18.91 -13.11 18.49
C VAL A 192 19.43 -12.26 19.64
N THR A 193 19.22 -12.73 20.87
CA THR A 193 19.71 -12.08 22.07
C THR A 193 20.95 -12.83 22.54
N VAL A 194 22.05 -12.09 22.69
CA VAL A 194 23.34 -12.69 23.04
C VAL A 194 23.93 -11.90 24.19
N PRO A 195 24.91 -12.46 24.90
CA PRO A 195 25.64 -11.67 25.90
C PRO A 195 26.38 -10.51 25.24
N SER A 196 26.25 -9.32 25.83
CA SER A 196 26.94 -8.16 25.29
C SER A 196 28.45 -8.35 25.29
N SER A 197 28.97 -9.12 26.25
CA SER A 197 30.41 -9.35 26.36
C SER A 197 30.99 -10.14 25.20
N SER A 198 30.16 -10.77 24.38
CA SER A 198 30.63 -11.63 23.30
C SER A 198 30.73 -10.92 21.95
N LEU A 199 30.19 -9.70 21.84
CA LEU A 199 30.13 -9.04 20.53
C LEU A 199 31.51 -8.70 19.98
N GLY A 200 32.55 -8.72 20.81
CA GLY A 200 33.88 -8.42 20.34
C GLY A 200 34.66 -9.66 19.91
N THR A 201 34.29 -10.82 20.45
CA THR A 201 35.04 -12.04 20.21
C THR A 201 34.20 -13.14 19.56
N GLN A 202 32.96 -12.84 19.15
CA GLN A 202 32.09 -13.82 18.52
C GLN A 202 31.46 -13.21 17.28
N THR A 203 31.54 -13.93 16.16
CA THR A 203 30.96 -13.49 14.90
C THR A 203 29.55 -14.06 14.77
N TYR A 204 28.60 -13.20 14.43
CA TYR A 204 27.20 -13.57 14.28
C TYR A 204 26.78 -13.38 12.83
N ILE A 205 26.51 -14.47 12.13
CA ILE A 205 26.15 -14.46 10.73
C ILE A 205 24.76 -15.06 10.58
N CYS A 206 23.87 -14.34 9.90
CA CYS A 206 22.54 -14.85 9.56
C CYS A 206 22.59 -15.42 8.15
N ASN A 207 22.01 -16.61 7.97
CA ASN A 207 22.01 -17.30 6.69
C ASN A 207 20.56 -17.33 6.18
N VAL A 208 20.26 -16.47 5.22
CA VAL A 208 18.92 -16.31 4.67
C VAL A 208 18.85 -17.04 3.33
N ASN A 209 17.86 -17.92 3.19
CA ASN A 209 17.67 -18.72 1.99
C ASN A 209 16.24 -18.57 1.50
N HIS A 210 16.08 -18.03 0.29
CA HIS A 210 14.80 -17.92 -0.39
C HIS A 210 14.87 -18.84 -1.60
N LYS A 211 14.33 -20.06 -1.45
CA LYS A 211 14.40 -21.04 -2.52
C LYS A 211 13.74 -20.59 -3.83
N PRO A 212 12.57 -19.92 -3.84
CA PRO A 212 12.00 -19.48 -5.12
C PRO A 212 12.94 -18.70 -6.02
N SER A 213 13.80 -17.86 -5.46
CA SER A 213 14.74 -17.06 -6.26
C SER A 213 16.17 -17.55 -6.17
N ASN A 214 16.43 -18.63 -5.42
CA ASN A 214 17.79 -19.16 -5.24
CA ASN A 214 17.79 -19.16 -5.24
C ASN A 214 18.73 -18.08 -4.74
N THR A 215 18.27 -17.31 -3.76
CA THR A 215 19.08 -16.29 -3.11
C THR A 215 19.53 -16.80 -1.75
N LYS A 216 20.83 -16.98 -1.59
CA LYS A 216 21.42 -17.45 -0.33
C LYS A 216 22.42 -16.40 0.13
N VAL A 217 22.01 -15.60 1.12
CA VAL A 217 22.81 -14.49 1.62
C VAL A 217 23.33 -14.83 3.00
N ASP A 218 24.62 -14.63 3.23
CA ASP A 218 25.25 -14.77 4.53
C ASP A 218 25.73 -13.39 4.96
N LYS A 219 24.96 -12.74 5.84
CA LYS A 219 25.25 -11.39 6.28
C LYS A 219 25.83 -11.43 7.69
N LYS A 220 27.00 -10.82 7.86
CA LYS A 220 27.62 -10.67 9.17
C LYS A 220 27.11 -9.39 9.82
N VAL A 221 26.56 -9.53 11.02
CA VAL A 221 25.95 -8.41 11.73
C VAL A 221 27.02 -7.79 12.63
N GLU A 222 27.44 -6.57 12.30
CA GLU A 222 28.47 -5.85 13.03
C GLU A 222 27.85 -4.72 13.84
N PRO A 223 28.35 -4.47 15.05
CA PRO A 223 27.76 -3.44 15.90
C PRO A 223 27.95 -2.03 15.33
N LYS A 224 26.95 -1.18 15.60
CA LYS A 224 27.01 0.23 15.27
C LYS A 224 27.67 1.01 16.41
N SER A 225 28.38 2.07 16.05
CA SER A 225 29.08 2.90 17.03
C SER A 225 28.11 3.95 17.59
N CYS A 226 27.14 3.46 18.34
CA CYS A 226 26.13 4.32 18.96
C CYS A 226 25.48 3.60 20.14
N ASP B 1 -29.72 -17.44 5.73
CA ASP B 1 -28.36 -17.43 6.23
C ASP B 1 -28.35 -17.48 7.76
N ILE B 2 -27.69 -18.49 8.31
CA ILE B 2 -27.57 -18.65 9.75
C ILE B 2 -26.19 -18.19 10.17
N GLN B 3 -26.14 -17.23 11.09
CA GLN B 3 -24.88 -16.65 11.56
CA GLN B 3 -24.89 -16.65 11.56
C GLN B 3 -24.58 -17.14 12.96
N MET B 4 -23.38 -17.68 13.14
CA MET B 4 -22.91 -18.18 14.43
C MET B 4 -21.98 -17.15 15.06
N THR B 5 -22.23 -16.81 16.32
CA THR B 5 -21.39 -15.88 17.07
C THR B 5 -20.91 -16.57 18.33
N GLN B 6 -19.63 -16.38 18.65
CA GLN B 6 -19.01 -17.04 19.79
C GLN B 6 -18.60 -16.02 20.85
N SER B 7 -18.45 -16.51 22.07
CA SER B 7 -18.03 -15.71 23.21
C SER B 7 -17.36 -16.63 24.20
N PRO B 8 -16.20 -16.25 24.76
CA PRO B 8 -15.43 -15.04 24.41
C PRO B 8 -14.72 -15.17 23.08
N SER B 9 -14.14 -14.08 22.58
CA SER B 9 -13.30 -14.17 21.39
CA SER B 9 -13.29 -14.18 21.39
C SER B 9 -11.90 -14.65 21.75
N THR B 10 -11.38 -14.19 22.89
CA THR B 10 -10.09 -14.62 23.42
CA THR B 10 -10.10 -14.64 23.41
C THR B 10 -10.20 -14.84 24.92
N LEU B 11 -9.58 -15.91 25.39
CA LEU B 11 -9.60 -16.28 26.79
C LEU B 11 -8.20 -16.68 27.24
N SER B 12 -7.81 -16.18 28.40
CA SER B 12 -6.53 -16.49 29.02
C SER B 12 -6.79 -17.27 30.29
N ALA B 13 -6.35 -18.52 30.32
CA ALA B 13 -6.60 -19.41 31.45
C ALA B 13 -5.35 -20.23 31.73
N SER B 14 -5.25 -20.70 32.97
CA SER B 14 -4.13 -21.52 33.40
C SER B 14 -4.48 -22.99 33.21
N VAL B 15 -3.44 -23.83 33.20
CA VAL B 15 -3.65 -25.26 33.15
C VAL B 15 -4.46 -25.70 34.37
N GLY B 16 -5.43 -26.58 34.14
CA GLY B 16 -6.29 -27.04 35.20
C GLY B 16 -7.51 -26.19 35.45
N ASP B 17 -7.66 -25.08 34.73
CA ASP B 17 -8.85 -24.24 34.86
C ASP B 17 -10.01 -24.83 34.07
N ARG B 18 -11.23 -24.56 34.56
CA ARG B 18 -12.45 -24.92 33.84
C ARG B 18 -12.85 -23.77 32.94
N VAL B 19 -13.04 -24.05 31.66
CA VAL B 19 -13.33 -23.04 30.65
C VAL B 19 -14.62 -23.41 29.94
N THR B 20 -15.44 -22.40 29.67
CA THR B 20 -16.72 -22.60 29.00
C THR B 20 -16.83 -21.58 27.86
N ILE B 21 -17.07 -22.08 26.65
CA ILE B 21 -17.21 -21.28 25.45
C ILE B 21 -18.65 -21.36 24.98
N THR B 22 -19.26 -20.22 24.66
CA THR B 22 -20.66 -20.14 24.28
C THR B 22 -20.78 -19.80 22.80
N CYS B 23 -21.77 -20.40 22.14
CA CYS B 23 -22.03 -20.18 20.72
C CYS B 23 -23.52 -19.94 20.55
N ARG B 24 -23.87 -18.90 19.80
CA ARG B 24 -25.26 -18.50 19.58
C ARG B 24 -25.54 -18.46 18.09
N ALA B 25 -26.66 -19.05 17.69
CA ALA B 25 -27.10 -19.07 16.30
C ALA B 25 -28.21 -18.05 16.08
N SER B 26 -28.22 -17.47 14.88
CA SER B 26 -29.22 -16.46 14.53
C SER B 26 -30.63 -17.02 14.51
N GLN B 27 -30.79 -18.32 14.30
CA GLN B 27 -32.08 -18.98 14.35
C GLN B 27 -31.88 -20.39 14.87
N SER B 28 -32.98 -21.08 15.13
CA SER B 28 -32.90 -22.39 15.76
C SER B 28 -32.25 -23.41 14.82
N ILE B 29 -31.22 -24.08 15.30
CA ILE B 29 -30.55 -25.15 14.57
C ILE B 29 -30.76 -26.50 15.27
N ALA B 30 -31.75 -26.58 16.16
CA ALA B 30 -32.01 -27.75 16.98
C ALA B 30 -30.74 -28.18 17.72
N SER B 31 -30.18 -29.34 17.34
CA SER B 31 -28.92 -29.81 17.92
C SER B 31 -27.88 -30.08 16.85
N TRP B 32 -28.06 -29.53 15.64
CA TRP B 32 -27.12 -29.74 14.53
C TRP B 32 -25.96 -28.76 14.67
N LEU B 33 -25.15 -28.97 15.72
CA LEU B 33 -24.03 -28.11 16.05
C LEU B 33 -22.80 -28.97 16.26
N ALA B 34 -21.65 -28.47 15.79
CA ALA B 34 -20.39 -29.17 15.93
C ALA B 34 -19.32 -28.22 16.45
N TRP B 35 -18.39 -28.75 17.23
CA TRP B 35 -17.29 -27.98 17.81
C TRP B 35 -15.98 -28.50 17.26
N TYR B 36 -15.13 -27.59 16.77
CA TYR B 36 -13.83 -27.91 16.20
C TYR B 36 -12.72 -27.25 17.01
N GLN B 37 -11.55 -27.89 17.00
CA GLN B 37 -10.34 -27.36 17.61
C GLN B 37 -9.30 -27.16 16.53
N GLN B 38 -8.63 -26.01 16.52
CA GLN B 38 -7.61 -25.71 15.52
C GLN B 38 -6.38 -25.12 16.20
N LYS B 39 -5.23 -25.73 15.93
CA LYS B 39 -3.92 -25.26 16.37
C LYS B 39 -3.19 -24.58 15.21
N PRO B 40 -2.26 -23.68 15.50
CA PRO B 40 -1.61 -22.91 14.43
C PRO B 40 -0.89 -23.81 13.43
N GLY B 41 -1.10 -23.52 12.15
CA GLY B 41 -0.53 -24.31 11.07
C GLY B 41 -1.18 -25.65 10.86
N LYS B 42 -2.24 -25.98 11.59
CA LYS B 42 -2.89 -27.28 11.53
C LYS B 42 -4.36 -27.12 11.14
N ALA B 43 -4.92 -28.22 10.66
CA ALA B 43 -6.31 -28.22 10.24
C ALA B 43 -7.25 -28.31 11.44
N PRO B 44 -8.50 -27.86 11.29
CA PRO B 44 -9.47 -28.04 12.37
C PRO B 44 -9.76 -29.52 12.62
N LYS B 45 -9.98 -29.85 13.90
CA LYS B 45 -10.23 -31.22 14.32
C LYS B 45 -11.57 -31.28 15.03
N LEU B 46 -12.42 -32.21 14.62
CA LEU B 46 -13.75 -32.32 15.20
C LEU B 46 -13.66 -32.89 16.62
N LEU B 47 -14.27 -32.19 17.57
CA LEU B 47 -14.30 -32.63 18.96
C LEU B 47 -15.68 -33.13 19.38
N ILE B 48 -16.73 -32.36 19.12
CA ILE B 48 -18.08 -32.70 19.52
C ILE B 48 -19.00 -32.55 18.32
N TYR B 49 -19.92 -33.50 18.16
CA TYR B 49 -20.84 -33.55 17.04
C TYR B 49 -22.27 -33.65 17.57
N LYS B 50 -23.20 -33.01 16.85
CA LYS B 50 -24.60 -32.95 17.25
C LYS B 50 -24.73 -32.46 18.69
N ALA B 51 -24.00 -31.39 19.00
CA ALA B 51 -24.07 -30.63 20.25
C ALA B 51 -23.41 -31.34 21.44
N SER B 52 -23.63 -32.65 21.61
CA SER B 52 -23.25 -33.30 22.86
C SER B 52 -22.39 -34.54 22.70
N SER B 53 -22.27 -35.10 21.49
CA SER B 53 -21.62 -36.40 21.32
CA SER B 53 -21.62 -36.40 21.32
C SER B 53 -20.12 -36.20 21.09
N LEU B 54 -19.31 -36.71 22.02
CA LEU B 54 -17.87 -36.64 21.90
C LEU B 54 -17.36 -37.57 20.80
N GLU B 55 -16.45 -37.06 19.98
CA GLU B 55 -15.87 -37.88 18.92
C GLU B 55 -14.86 -38.86 19.49
N SER B 56 -14.56 -39.88 18.68
CA SER B 56 -13.64 -40.94 19.11
C SER B 56 -12.26 -40.37 19.39
N GLY B 57 -11.68 -40.76 20.52
CA GLY B 57 -10.36 -40.31 20.91
C GLY B 57 -10.32 -38.98 21.63
N VAL B 58 -11.40 -38.22 21.61
CA VAL B 58 -11.43 -36.93 22.31
C VAL B 58 -11.54 -37.17 23.81
N PRO B 59 -10.68 -36.59 24.63
CA PRO B 59 -10.74 -36.85 26.08
C PRO B 59 -12.04 -36.37 26.69
N SER B 60 -12.50 -37.11 27.71
CA SER B 60 -13.79 -36.85 28.33
C SER B 60 -13.87 -35.50 29.01
N ARG B 61 -12.74 -34.81 29.18
CA ARG B 61 -12.79 -33.47 29.79
C ARG B 61 -13.51 -32.47 28.89
N PHE B 62 -13.72 -32.79 27.61
CA PHE B 62 -14.52 -31.96 26.73
C PHE B 62 -15.98 -32.39 26.79
N SER B 63 -16.88 -31.41 26.82
CA SER B 63 -18.31 -31.68 26.82
C SER B 63 -19.04 -30.52 26.15
N GLY B 64 -20.15 -30.84 25.53
CA GLY B 64 -20.97 -29.83 24.87
C GLY B 64 -22.43 -29.99 25.27
N SER B 65 -23.14 -28.86 25.26
CA SER B 65 -24.53 -28.81 25.69
CA SER B 65 -24.53 -28.81 25.69
C SER B 65 -25.29 -27.75 24.90
N GLY B 66 -26.61 -27.85 24.93
CA GLY B 66 -27.48 -26.84 24.38
C GLY B 66 -28.31 -27.35 23.23
N SER B 67 -29.38 -26.60 22.93
CA SER B 67 -30.28 -26.88 21.82
CA SER B 67 -30.27 -26.88 21.81
C SER B 67 -30.94 -25.59 21.37
N GLY B 68 -31.27 -25.52 20.08
CA GLY B 68 -31.92 -24.36 19.53
C GLY B 68 -30.95 -23.28 19.11
N THR B 69 -30.83 -22.23 19.93
CA THR B 69 -29.98 -21.09 19.60
C THR B 69 -28.77 -20.93 20.51
N GLU B 70 -28.75 -21.55 21.68
CA GLU B 70 -27.68 -21.37 22.65
C GLU B 70 -26.97 -22.70 22.88
N PHE B 71 -25.63 -22.68 22.75
CA PHE B 71 -24.81 -23.88 22.90
C PHE B 71 -23.54 -23.52 23.66
N THR B 72 -23.01 -24.49 24.40
CA THR B 72 -21.83 -24.28 25.22
CA THR B 72 -21.83 -24.28 25.22
C THR B 72 -20.85 -25.44 25.04
N LEU B 73 -19.56 -25.11 25.03
CA LEU B 73 -18.47 -26.08 25.00
C LEU B 73 -17.68 -25.91 26.30
N THR B 74 -17.50 -27.00 27.03
CA THR B 74 -16.86 -26.97 28.34
C THR B 74 -15.64 -27.87 28.35
N ILE B 75 -14.53 -27.34 28.86
CA ILE B 75 -13.33 -28.11 29.14
C ILE B 75 -13.16 -28.09 30.66
N SER B 76 -13.27 -29.25 31.29
CA SER B 76 -13.33 -29.30 32.75
C SER B 76 -12.00 -28.91 33.38
N SER B 77 -10.89 -29.35 32.81
CA SER B 77 -9.57 -29.06 33.34
C SER B 77 -8.62 -28.93 32.15
N LEU B 78 -8.14 -27.72 31.92
CA LEU B 78 -7.34 -27.46 30.72
CA LEU B 78 -7.34 -27.44 30.73
C LEU B 78 -5.99 -28.16 30.76
N HIS B 79 -5.65 -28.80 29.65
CA HIS B 79 -4.33 -29.40 29.44
C HIS B 79 -3.54 -28.53 28.48
N PRO B 80 -2.21 -28.56 28.56
CA PRO B 80 -1.39 -27.77 27.61
C PRO B 80 -1.77 -27.97 26.16
N ASP B 81 -2.18 -29.18 25.78
CA ASP B 81 -2.59 -29.46 24.40
C ASP B 81 -3.93 -28.84 24.04
N ASP B 82 -4.70 -28.35 25.01
CA ASP B 82 -6.01 -27.78 24.71
C ASP B 82 -5.95 -26.30 24.38
N PHE B 83 -4.79 -25.68 24.47
CA PHE B 83 -4.68 -24.25 24.17
C PHE B 83 -4.61 -24.08 22.67
N ALA B 84 -5.71 -23.61 22.10
CA ALA B 84 -5.92 -23.54 20.66
C ALA B 84 -7.12 -22.62 20.42
N THR B 85 -7.53 -22.53 19.16
CA THR B 85 -8.72 -21.81 18.78
C THR B 85 -9.85 -22.79 18.50
N TYR B 86 -11.04 -22.49 19.03
CA TYR B 86 -12.19 -23.37 18.95
C TYR B 86 -13.29 -22.70 18.14
N PHE B 87 -13.83 -23.43 17.17
CA PHE B 87 -14.90 -22.96 16.29
C PHE B 87 -16.15 -23.80 16.48
N CYS B 88 -17.30 -23.15 16.52
CA CYS B 88 -18.58 -23.85 16.39
C CYS B 88 -19.07 -23.80 14.95
N GLN B 89 -19.95 -24.73 14.61
CA GLN B 89 -20.43 -24.85 13.24
C GLN B 89 -21.81 -25.49 13.24
N GLN B 90 -22.75 -24.85 12.53
CA GLN B 90 -24.08 -25.41 12.34
C GLN B 90 -24.12 -26.18 11.03
N PHE B 91 -24.83 -27.31 11.01
CA PHE B 91 -24.95 -28.07 9.77
C PHE B 91 -26.41 -28.40 9.43
N THR B 92 -27.35 -27.50 9.72
CA THR B 92 -28.74 -27.70 9.30
C THR B 92 -29.05 -26.99 7.98
N SER B 93 -28.47 -25.81 7.73
CA SER B 93 -28.65 -25.08 6.48
C SER B 93 -27.27 -24.66 5.99
N TYR B 94 -26.77 -25.37 4.98
CA TYR B 94 -25.38 -25.24 4.52
C TYR B 94 -24.48 -25.48 5.73
N TRP B 95 -23.32 -24.81 5.77
CA TRP B 95 -22.38 -24.99 6.87
C TRP B 95 -21.71 -23.66 7.15
N THR B 96 -22.06 -23.03 8.27
CA THR B 96 -21.48 -21.76 8.68
C THR B 96 -20.81 -21.91 10.04
N PHE B 97 -19.77 -21.10 10.26
CA PHE B 97 -18.90 -21.22 11.42
C PHE B 97 -18.94 -19.94 12.24
N GLY B 98 -18.67 -20.09 13.55
CA GLY B 98 -18.39 -18.94 14.38
C GLY B 98 -17.03 -18.35 14.07
N GLN B 99 -16.76 -17.18 14.64
CA GLN B 99 -15.51 -16.48 14.39
CA GLN B 99 -15.50 -16.50 14.37
C GLN B 99 -14.33 -17.06 15.15
N GLY B 100 -14.56 -17.98 16.08
CA GLY B 100 -13.47 -18.61 16.78
C GLY B 100 -13.17 -18.01 18.14
N THR B 101 -12.77 -18.87 19.07
CA THR B 101 -12.40 -18.48 20.43
C THR B 101 -10.99 -18.98 20.69
N LYS B 102 -10.05 -18.06 20.90
CA LYS B 102 -8.66 -18.42 21.15
C LYS B 102 -8.43 -18.55 22.65
N VAL B 103 -7.97 -19.72 23.08
CA VAL B 103 -7.64 -19.99 24.48
C VAL B 103 -6.12 -19.98 24.60
N GLU B 104 -5.57 -18.97 25.27
CA GLU B 104 -4.12 -18.82 25.41
C GLU B 104 -3.71 -19.12 26.84
N ILE B 105 -2.44 -19.50 27.00
CA ILE B 105 -1.93 -19.94 28.30
C ILE B 105 -1.64 -18.73 29.18
N LYS B 106 -2.22 -18.71 30.38
CA LYS B 106 -1.96 -17.66 31.33
C LYS B 106 -0.71 -18.00 32.15
N ARG B 107 0.24 -17.07 32.21
CA ARG B 107 1.45 -17.24 32.99
C ARG B 107 1.72 -15.97 33.78
N THR B 108 2.80 -16.00 34.56
CA THR B 108 3.20 -14.82 35.33
C THR B 108 3.54 -13.67 34.40
N VAL B 109 3.22 -12.45 34.86
CA VAL B 109 3.52 -11.26 34.07
C VAL B 109 5.03 -11.15 33.87
N ALA B 110 5.44 -10.95 32.62
CA ALA B 110 6.85 -10.77 32.27
C ALA B 110 6.97 -9.49 31.46
N ALA B 111 7.77 -8.55 31.95
CA ALA B 111 7.98 -7.30 31.24
C ALA B 111 8.81 -7.54 29.98
N PRO B 112 8.55 -6.79 28.92
CA PRO B 112 9.33 -6.97 27.70
C PRO B 112 10.67 -6.24 27.75
N SER B 113 11.66 -6.84 27.10
CA SER B 113 12.93 -6.18 26.85
CA SER B 113 12.92 -6.16 26.86
C SER B 113 12.85 -5.43 25.53
N VAL B 114 13.13 -4.13 25.57
CA VAL B 114 12.93 -3.24 24.43
C VAL B 114 14.27 -2.89 23.80
N PHE B 115 14.35 -3.05 22.48
CA PHE B 115 15.53 -2.76 21.69
C PHE B 115 15.09 -2.04 20.42
N ILE B 116 15.85 -1.04 19.99
CA ILE B 116 15.56 -0.31 18.76
C ILE B 116 16.77 -0.42 17.83
N PHE B 117 16.49 -0.63 16.55
CA PHE B 117 17.53 -0.84 15.53
C PHE B 117 17.43 0.23 14.47
N PRO B 118 18.40 1.13 14.36
CA PRO B 118 18.36 2.17 13.33
C PRO B 118 18.59 1.57 11.95
N PRO B 119 18.15 2.26 10.89
CA PRO B 119 18.36 1.72 9.54
C PRO B 119 19.84 1.60 9.21
N SER B 120 20.16 0.60 8.39
CA SER B 120 21.54 0.39 7.99
C SER B 120 21.96 1.42 6.94
N ASP B 121 23.26 1.67 6.87
CA ASP B 121 23.78 2.54 5.82
C ASP B 121 23.51 1.99 4.43
N GLU B 122 23.50 0.65 4.30
CA GLU B 122 23.24 0.04 3.00
CA GLU B 122 23.23 0.04 3.01
C GLU B 122 21.82 0.34 2.53
N GLN B 123 20.85 0.28 3.43
CA GLN B 123 19.46 0.51 3.03
C GLN B 123 19.19 1.99 2.80
N LEU B 124 19.81 2.86 3.59
CA LEU B 124 19.60 4.30 3.43
C LEU B 124 20.10 4.77 2.06
N LYS B 125 21.16 4.15 1.54
CA LYS B 125 21.63 4.50 0.21
C LYS B 125 20.61 4.15 -0.87
N SER B 126 19.77 3.15 -0.61
CA SER B 126 18.73 2.74 -1.54
C SER B 126 17.46 3.58 -1.43
N GLY B 127 17.48 4.65 -0.62
CA GLY B 127 16.34 5.53 -0.51
C GLY B 127 15.23 5.05 0.41
N THR B 128 15.47 4.02 1.21
CA THR B 128 14.47 3.49 2.13
C THR B 128 15.09 3.34 3.50
N ALA B 129 14.35 3.75 4.54
CA ALA B 129 14.81 3.69 5.92
C ALA B 129 13.79 2.92 6.74
N SER B 130 14.21 1.76 7.24
CA SER B 130 13.37 0.91 8.09
C SER B 130 13.91 0.94 9.51
N VAL B 131 13.09 1.39 10.45
CA VAL B 131 13.43 1.42 11.86
C VAL B 131 12.65 0.30 12.55
N VAL B 132 13.33 -0.46 13.40
CA VAL B 132 12.77 -1.66 14.00
C VAL B 132 12.80 -1.53 15.52
N CYS B 133 11.65 -1.71 16.15
CA CYS B 133 11.51 -1.74 17.60
C CYS B 133 11.18 -3.17 18.02
N LEU B 134 11.99 -3.73 18.92
CA LEU B 134 11.88 -5.13 19.30
C LEU B 134 11.48 -5.26 20.76
N LEU B 135 10.41 -6.01 21.00
CA LEU B 135 9.93 -6.36 22.34
C LEU B 135 10.08 -7.87 22.49
N ASN B 136 10.80 -8.31 23.51
CA ASN B 136 11.20 -9.70 23.61
C ASN B 136 10.73 -10.34 24.90
N ASN B 137 10.20 -11.56 24.76
CA ASN B 137 9.84 -12.48 25.84
C ASN B 137 9.02 -11.77 26.92
N PHE B 138 7.79 -11.41 26.54
CA PHE B 138 6.88 -10.73 27.43
C PHE B 138 5.55 -11.47 27.53
N TYR B 139 4.83 -11.20 28.62
CA TYR B 139 3.46 -11.67 28.82
C TYR B 139 2.78 -10.69 29.77
N PRO B 140 1.51 -10.33 29.52
CA PRO B 140 0.62 -10.80 28.44
C PRO B 140 0.97 -10.27 27.05
N ARG B 141 0.17 -10.68 26.06
CA ARG B 141 0.50 -10.40 24.67
C ARG B 141 0.26 -8.95 24.30
N GLU B 142 -0.62 -8.25 25.01
CA GLU B 142 -1.12 -6.95 24.57
C GLU B 142 -0.19 -5.84 25.03
N ALA B 143 1.00 -5.83 24.44
CA ALA B 143 1.90 -4.69 24.56
C ALA B 143 1.60 -3.70 23.46
N LYS B 144 1.67 -2.41 23.80
CA LYS B 144 1.38 -1.33 22.85
C LYS B 144 2.66 -0.60 22.48
N VAL B 145 2.80 -0.30 21.19
CA VAL B 145 4.01 0.28 20.63
C VAL B 145 3.63 1.48 19.76
N GLN B 146 4.25 2.62 20.02
CA GLN B 146 4.00 3.83 19.25
C GLN B 146 5.31 4.45 18.78
N TRP B 147 5.33 4.88 17.53
CA TRP B 147 6.48 5.56 16.95
C TRP B 147 6.28 7.07 17.09
N LYS B 148 7.18 7.72 17.83
CA LYS B 148 7.16 9.16 17.99
C LYS B 148 8.35 9.76 17.25
N VAL B 149 8.07 10.70 16.35
CA VAL B 149 9.09 11.38 15.57
C VAL B 149 9.05 12.85 15.97
N ASP B 150 10.10 13.31 16.67
CA ASP B 150 10.11 14.63 17.29
C ASP B 150 8.92 14.81 18.23
N ASN B 151 8.65 13.77 19.02
CA ASN B 151 7.51 13.70 19.94
C ASN B 151 6.17 13.82 19.22
N ALA B 152 6.15 13.55 17.92
CA ALA B 152 4.92 13.51 17.13
C ALA B 152 4.65 12.08 16.70
N LEU B 153 3.40 11.66 16.86
CA LEU B 153 3.02 10.28 16.59
C LEU B 153 2.93 10.02 15.09
N GLN B 154 3.05 8.76 14.72
CA GLN B 154 3.04 8.33 13.32
C GLN B 154 1.87 7.38 13.08
N SER B 155 1.32 7.48 11.87
CA SER B 155 0.19 6.65 11.45
C SER B 155 0.42 6.22 10.01
N GLY B 156 0.12 4.96 9.73
CA GLY B 156 0.56 4.33 8.51
C GLY B 156 2.05 4.05 8.53
N ASN B 157 2.52 3.39 7.47
CA ASN B 157 3.92 2.96 7.31
CA ASN B 157 3.93 3.00 7.34
C ASN B 157 4.47 2.37 8.61
N SER B 158 3.64 1.62 9.34
CA SER B 158 4.05 0.96 10.56
CA SER B 158 4.04 0.95 10.57
C SER B 158 3.33 -0.39 10.67
N GLN B 159 4.08 -1.48 10.50
CA GLN B 159 3.54 -2.83 10.59
C GLN B 159 4.11 -3.55 11.80
N GLU B 160 3.26 -4.35 12.46
CA GLU B 160 3.65 -5.16 13.60
C GLU B 160 3.61 -6.64 13.24
N SER B 161 4.50 -7.41 13.86
CA SER B 161 4.53 -8.85 13.72
C SER B 161 4.82 -9.45 15.08
N VAL B 162 4.05 -10.46 15.47
CA VAL B 162 4.16 -11.08 16.78
C VAL B 162 4.27 -12.58 16.60
N THR B 163 5.15 -13.20 17.38
CA THR B 163 5.32 -14.65 17.32
C THR B 163 4.16 -15.34 18.01
N GLU B 164 4.04 -16.64 17.74
CA GLU B 164 3.14 -17.47 18.52
C GLU B 164 3.64 -17.59 19.95
N GLN B 165 2.74 -17.93 20.86
CA GLN B 165 3.13 -18.10 22.25
C GLN B 165 4.17 -19.21 22.35
N ASP B 166 5.29 -18.90 23.00
CA ASP B 166 6.42 -19.83 23.04
C ASP B 166 6.03 -21.10 23.78
N SER B 167 6.51 -22.24 23.27
CA SER B 167 6.14 -23.52 23.87
C SER B 167 6.88 -23.77 25.18
N LYS B 168 8.06 -23.18 25.35
CA LYS B 168 8.87 -23.41 26.54
C LYS B 168 8.46 -22.53 27.71
N ASP B 169 8.38 -21.21 27.50
CA ASP B 169 8.11 -20.28 28.59
C ASP B 169 6.81 -19.49 28.41
N SER B 170 6.01 -19.80 27.39
CA SER B 170 4.69 -19.19 27.19
C SER B 170 4.77 -17.68 27.06
N THR B 171 5.88 -17.16 26.57
CA THR B 171 6.04 -15.74 26.32
C THR B 171 5.74 -15.40 24.86
N TYR B 172 5.64 -14.10 24.60
CA TYR B 172 5.46 -13.56 23.25
C TYR B 172 6.63 -12.63 22.95
N SER B 173 6.89 -12.44 21.66
CA SER B 173 7.84 -11.43 21.20
C SER B 173 7.21 -10.68 20.02
N LEU B 174 7.60 -9.42 19.88
CA LEU B 174 6.93 -8.52 18.95
C LEU B 174 7.94 -7.57 18.33
N SER B 175 7.76 -7.31 17.03
CA SER B 175 8.58 -6.36 16.29
C SER B 175 7.67 -5.37 15.56
N SER B 176 8.00 -4.09 15.63
CA SER B 176 7.29 -3.03 14.92
C SER B 176 8.28 -2.34 14.00
N THR B 177 7.95 -2.28 12.71
CA THR B 177 8.86 -1.76 11.70
C THR B 177 8.26 -0.52 11.06
N LEU B 178 8.99 0.59 11.11
CA LEU B 178 8.57 1.85 10.50
C LEU B 178 9.39 2.05 9.24
N THR B 179 8.74 1.99 8.07
CA THR B 179 9.39 2.14 6.79
C THR B 179 9.08 3.50 6.21
N LEU B 180 10.11 4.33 6.05
CA LEU B 180 9.98 5.67 5.48
C LEU B 180 11.13 5.93 4.54
N SER B 181 10.86 6.71 3.50
CA SER B 181 11.91 7.06 2.54
C SER B 181 13.02 7.84 3.22
N LYS B 182 14.20 7.82 2.59
CA LYS B 182 15.32 8.62 3.10
C LYS B 182 14.95 10.09 3.14
N ALA B 183 14.17 10.56 2.16
CA ALA B 183 13.79 11.96 2.10
C ALA B 183 12.98 12.36 3.32
N ASP B 184 12.00 11.54 3.71
CA ASP B 184 11.23 11.83 4.92
C ASP B 184 12.07 11.57 6.16
N TYR B 185 12.99 10.60 6.08
CA TYR B 185 13.87 10.30 7.21
C TYR B 185 14.76 11.48 7.55
N GLU B 186 15.36 12.11 6.55
CA GLU B 186 16.25 13.24 6.81
C GLU B 186 15.48 14.45 7.33
N LYS B 187 14.18 14.51 7.09
CA LYS B 187 13.39 15.68 7.48
C LYS B 187 13.38 15.90 9.00
N HIS B 188 13.51 14.83 9.78
CA HIS B 188 13.41 14.94 11.23
C HIS B 188 14.64 14.33 11.89
N LYS B 189 14.74 14.54 13.21
CA LYS B 189 15.92 14.17 13.97
C LYS B 189 15.66 13.01 14.93
N VAL B 190 14.72 13.18 15.87
CA VAL B 190 14.53 12.22 16.95
C VAL B 190 13.55 11.14 16.50
N TYR B 191 14.01 9.89 16.52
CA TYR B 191 13.19 8.73 16.21
C TYR B 191 13.11 7.84 17.44
N ALA B 192 11.89 7.52 17.87
CA ALA B 192 11.69 6.85 19.15
C ALA B 192 10.53 5.88 19.06
N CYS B 193 10.58 4.83 19.89
CA CYS B 193 9.50 3.87 20.03
CA CYS B 193 9.48 3.89 20.03
C CYS B 193 9.18 3.72 21.52
N GLU B 194 7.96 4.06 21.90
CA GLU B 194 7.52 4.00 23.29
C GLU B 194 6.67 2.76 23.51
N VAL B 195 6.95 2.04 24.60
CA VAL B 195 6.35 0.74 24.88
C VAL B 195 5.58 0.83 26.19
N THR B 196 4.35 0.30 26.20
CA THR B 196 3.53 0.25 27.40
C THR B 196 3.09 -1.20 27.63
N HIS B 197 3.22 -1.68 28.87
CA HIS B 197 2.92 -3.06 29.20
C HIS B 197 2.79 -3.17 30.71
N GLN B 198 2.02 -4.15 31.17
CA GLN B 198 1.78 -4.22 32.61
CA GLN B 198 1.76 -4.34 32.60
C GLN B 198 3.04 -4.66 33.38
N GLY B 199 3.98 -5.33 32.72
CA GLY B 199 5.23 -5.65 33.37
C GLY B 199 6.13 -4.46 33.62
N LEU B 200 5.84 -3.33 32.99
CA LEU B 200 6.63 -2.11 33.11
C LEU B 200 5.92 -1.14 34.04
N SER B 201 6.65 -0.66 35.06
CA SER B 201 6.07 0.29 36.00
C SER B 201 5.72 1.61 35.32
N SER B 202 6.51 2.01 34.32
CA SER B 202 6.30 3.23 33.57
C SER B 202 6.61 2.94 32.10
N PRO B 203 6.14 3.79 31.19
CA PRO B 203 6.44 3.57 29.77
C PRO B 203 7.93 3.59 29.49
N VAL B 204 8.36 2.71 28.60
CA VAL B 204 9.76 2.58 28.21
C VAL B 204 9.93 3.18 26.83
N THR B 205 10.88 4.10 26.69
CA THR B 205 11.18 4.76 25.43
C THR B 205 12.61 4.46 25.04
N LYS B 206 12.80 3.91 23.83
CA LYS B 206 14.10 3.78 23.20
C LYS B 206 14.14 4.70 22.01
N SER B 207 15.20 5.50 21.89
CA SER B 207 15.28 6.53 20.86
CA SER B 207 15.28 6.53 20.87
C SER B 207 16.69 6.65 20.34
N PHE B 208 16.81 7.29 19.18
CA PHE B 208 18.09 7.63 18.58
C PHE B 208 17.87 8.84 17.69
N ASN B 209 18.77 9.81 17.77
CA ASN B 209 18.73 10.96 16.89
C ASN B 209 19.40 10.61 15.57
N ARG B 210 18.73 10.92 14.47
CA ARG B 210 19.31 10.70 13.14
C ARG B 210 20.68 11.36 13.07
N GLY B 211 21.64 10.63 12.52
CA GLY B 211 23.03 11.08 12.48
C GLY B 211 23.87 10.66 13.66
N GLU B 212 23.24 10.30 14.79
CA GLU B 212 23.97 9.75 15.93
C GLU B 212 24.52 8.36 15.63
N CYS B 213 23.87 7.62 14.73
CA CYS B 213 24.28 6.26 14.41
C CYS B 213 24.83 6.17 12.99
N GLN C 1 12.41 30.25 -33.89
CA GLN C 1 13.47 30.52 -32.91
C GLN C 1 13.98 29.22 -32.29
N VAL C 2 14.61 29.34 -31.12
CA VAL C 2 15.21 28.18 -30.46
C VAL C 2 14.12 27.19 -30.08
N LEU C 3 14.29 25.94 -30.50
CA LEU C 3 13.31 24.89 -30.24
C LEU C 3 14.01 23.60 -29.87
N LEU C 4 13.54 22.96 -28.80
CA LEU C 4 14.06 21.68 -28.34
C LEU C 4 12.90 20.74 -28.10
N VAL C 5 12.88 19.60 -28.79
CA VAL C 5 11.78 18.65 -28.74
C VAL C 5 12.31 17.32 -28.25
N GLU C 6 11.90 16.92 -27.06
CA GLU C 6 12.30 15.63 -26.51
C GLU C 6 11.42 14.51 -27.04
N SER C 7 11.98 13.30 -27.02
CA SER C 7 11.24 12.09 -27.40
C SER C 7 11.97 10.89 -26.82
N GLY C 8 11.28 9.75 -26.83
CA GLY C 8 11.83 8.51 -26.35
C GLY C 8 11.34 8.08 -24.98
N GLY C 9 10.60 8.93 -24.27
CA GLY C 9 10.07 8.55 -22.98
C GLY C 9 9.03 7.45 -23.10
N GLY C 10 8.96 6.62 -22.08
CA GLY C 10 8.01 5.53 -22.08
C GLY C 10 7.91 4.89 -20.72
N VAL C 11 7.25 3.73 -20.69
CA VAL C 11 7.05 2.96 -19.48
C VAL C 11 7.86 1.68 -19.60
N VAL C 12 8.85 1.52 -18.71
CA VAL C 12 9.75 0.39 -18.75
C VAL C 12 9.82 -0.25 -17.37
N GLN C 13 10.38 -1.47 -17.32
CA GLN C 13 10.55 -2.29 -16.13
C GLN C 13 11.85 -1.93 -15.41
N PRO C 14 11.90 -2.12 -14.09
CA PRO C 14 13.14 -1.87 -13.35
C PRO C 14 14.26 -2.78 -13.81
N GLY C 15 15.41 -2.18 -14.12
CA GLY C 15 16.55 -2.91 -14.61
C GLY C 15 16.70 -2.95 -16.11
N THR C 16 15.78 -2.33 -16.85
CA THR C 16 15.83 -2.32 -18.30
C THR C 16 16.62 -1.10 -18.79
N SER C 17 16.55 -0.82 -20.08
CA SER C 17 17.27 0.29 -20.68
CA SER C 17 17.28 0.28 -20.70
C SER C 17 16.34 1.12 -21.54
N LEU C 18 16.70 2.39 -21.72
CA LEU C 18 15.91 3.32 -22.50
C LEU C 18 16.81 4.45 -22.99
N ARG C 19 16.54 4.94 -24.20
CA ARG C 19 17.34 5.99 -24.82
C ARG C 19 16.43 7.15 -25.18
N LEU C 20 16.68 8.31 -24.56
CA LEU C 20 15.93 9.52 -24.85
C LEU C 20 16.62 10.33 -25.95
N SER C 21 15.86 11.24 -26.55
CA SER C 21 16.35 12.08 -27.63
C SER C 21 15.87 13.50 -27.45
N CYS C 22 16.57 14.44 -28.09
CA CYS C 22 16.26 15.86 -28.00
C CYS C 22 16.71 16.52 -29.29
N VAL C 23 15.77 16.84 -30.17
CA VAL C 23 16.08 17.44 -31.47
C VAL C 23 16.03 18.95 -31.35
N ALA C 24 17.03 19.62 -31.90
CA ALA C 24 17.17 21.07 -31.79
C ALA C 24 16.97 21.73 -33.15
N SER C 25 16.45 22.96 -33.11
CA SER C 25 16.27 23.75 -34.32
C SER C 25 16.23 25.22 -33.93
N GLY C 26 16.45 26.09 -34.91
CA GLY C 26 16.45 27.51 -34.69
C GLY C 26 17.75 28.08 -34.14
N PHE C 27 18.74 27.25 -33.88
CA PHE C 27 20.04 27.72 -33.42
C PHE C 27 21.11 26.74 -33.88
N SER C 28 22.37 27.08 -33.61
CA SER C 28 23.51 26.25 -33.99
C SER C 28 23.78 25.25 -32.88
N PHE C 29 23.22 24.03 -33.03
CA PHE C 29 23.38 22.99 -32.03
C PHE C 29 24.84 22.62 -31.81
N SER C 30 25.65 22.67 -32.87
CA SER C 30 27.05 22.24 -32.77
C SER C 30 27.89 23.15 -31.90
N THR C 31 27.48 24.40 -31.70
CA THR C 31 28.29 25.38 -30.98
C THR C 31 27.94 25.50 -29.51
N TYR C 32 26.95 24.75 -29.02
CA TYR C 32 26.48 24.88 -27.66
C TYR C 32 26.61 23.56 -26.90
N GLY C 33 26.86 23.67 -25.59
CA GLY C 33 26.72 22.53 -24.72
C GLY C 33 25.26 22.30 -24.35
N MET C 34 24.96 21.07 -23.90
CA MET C 34 23.60 20.66 -23.63
C MET C 34 23.51 19.97 -22.28
N HIS C 35 22.33 20.04 -21.68
CA HIS C 35 22.06 19.48 -20.36
C HIS C 35 20.88 18.52 -20.41
N TRP C 36 20.82 17.64 -19.42
CA TRP C 36 19.63 16.85 -19.10
C TRP C 36 19.25 17.15 -17.65
N VAL C 37 17.98 17.49 -17.44
CA VAL C 37 17.44 17.76 -16.10
C VAL C 37 16.11 17.03 -15.98
N ARG C 38 15.88 16.42 -14.83
CA ARG C 38 14.64 15.68 -14.59
C ARG C 38 13.85 16.32 -13.46
N GLN C 39 12.53 16.14 -13.52
CA GLN C 39 11.62 16.70 -12.54
C GLN C 39 10.57 15.66 -12.18
N SER C 40 10.50 15.34 -10.89
CA SER C 40 9.52 14.44 -10.31
C SER C 40 8.71 15.21 -9.28
N PRO C 41 7.52 14.74 -8.91
CA PRO C 41 6.80 15.39 -7.81
C PRO C 41 7.60 15.38 -6.52
N GLY C 42 8.29 14.27 -6.23
CA GLY C 42 8.94 14.14 -4.93
C GLY C 42 10.22 14.93 -4.82
N LYS C 43 11.06 14.90 -5.84
CA LYS C 43 12.40 15.46 -5.77
C LYS C 43 12.55 16.80 -6.48
N GLY C 44 11.45 17.36 -7.00
CA GLY C 44 11.58 18.64 -7.69
C GLY C 44 12.46 18.52 -8.92
N LEU C 45 13.23 19.56 -9.18
CA LEU C 45 14.14 19.61 -10.32
C LEU C 45 15.52 19.13 -9.92
N GLU C 46 16.10 18.23 -10.71
CA GLU C 46 17.40 17.64 -10.42
C GLU C 46 18.21 17.58 -11.71
N TRP C 47 19.39 18.20 -11.71
CA TRP C 47 20.28 18.11 -12.86
C TRP C 47 20.84 16.70 -13.01
N VAL C 48 20.92 16.23 -14.25
CA VAL C 48 21.31 14.85 -14.54
C VAL C 48 22.68 14.79 -15.21
N ALA C 49 22.86 15.51 -16.32
CA ALA C 49 24.11 15.40 -17.06
C ALA C 49 24.30 16.64 -17.92
N ILE C 50 25.56 16.91 -18.26
CA ILE C 50 25.95 17.95 -19.19
C ILE C 50 26.91 17.34 -20.20
N ILE C 51 26.84 17.81 -21.44
CA ILE C 51 27.73 17.35 -22.49
C ILE C 51 28.28 18.56 -23.24
N TRP C 52 29.59 18.53 -23.52
CA TRP C 52 30.25 19.62 -24.22
C TRP C 52 29.80 19.67 -25.68
N TYR C 53 30.14 20.78 -26.33
CA TYR C 53 29.72 21.00 -27.72
C TYR C 53 30.25 19.90 -28.63
N ASP C 54 31.48 19.47 -28.41
CA ASP C 54 32.10 18.44 -29.24
C ASP C 54 31.72 17.02 -28.82
N GLY C 55 30.94 16.86 -27.74
CA GLY C 55 30.63 15.55 -27.22
C GLY C 55 31.73 14.90 -26.41
N GLY C 56 32.83 15.62 -26.15
CA GLY C 56 33.96 15.05 -25.44
C GLY C 56 33.81 15.05 -23.93
N ASN C 57 33.74 16.22 -23.32
CA ASN C 57 33.63 16.34 -21.88
C ASN C 57 32.22 16.01 -21.41
N LYS C 58 32.12 15.10 -20.44
CA LYS C 58 30.84 14.62 -19.94
C LYS C 58 30.88 14.61 -18.41
N PHE C 59 29.83 15.16 -17.79
CA PHE C 59 29.71 15.17 -16.34
C PHE C 59 28.30 14.75 -15.94
N TYR C 60 28.21 13.96 -14.85
CA TYR C 60 26.95 13.37 -14.43
C TYR C 60 26.71 13.64 -12.94
N ALA C 61 25.45 13.56 -12.55
CA ALA C 61 25.10 13.58 -11.14
C ALA C 61 25.50 12.26 -10.48
N ASP C 62 25.68 12.31 -9.16
CA ASP C 62 26.07 11.10 -8.43
C ASP C 62 24.98 10.03 -8.50
N SER C 63 23.71 10.44 -8.54
CA SER C 63 22.62 9.48 -8.56
C SER C 63 22.58 8.64 -9.83
N VAL C 64 23.17 9.12 -10.92
CA VAL C 64 23.12 8.44 -12.21
C VAL C 64 24.49 7.97 -12.69
N GLN C 65 25.53 8.15 -11.89
CA GLN C 65 26.88 7.77 -12.31
C GLN C 65 26.96 6.26 -12.51
N GLY C 66 27.58 5.85 -13.61
CA GLY C 66 27.72 4.45 -13.95
C GLY C 66 26.53 3.82 -14.62
N ARG C 67 25.37 4.49 -14.61
CA ARG C 67 24.16 3.95 -15.22
C ARG C 67 23.67 4.75 -16.42
N PHE C 68 23.91 6.06 -16.44
CA PHE C 68 23.47 6.92 -17.54
C PHE C 68 24.67 7.34 -18.38
N THR C 69 24.42 7.55 -19.67
CA THR C 69 25.44 7.99 -20.61
C THR C 69 24.83 9.01 -21.55
N VAL C 70 25.51 10.16 -21.71
CA VAL C 70 25.04 11.23 -22.56
C VAL C 70 25.87 11.25 -23.85
N SER C 71 25.20 11.53 -24.97
CA SER C 71 25.84 11.58 -26.28
C SER C 71 25.09 12.57 -27.15
N ARG C 72 25.67 12.89 -28.31
CA ARG C 72 25.08 13.85 -29.21
C ARG C 72 25.54 13.58 -30.64
N ASP C 73 24.71 14.02 -31.60
CA ASP C 73 25.00 13.93 -33.03
C ASP C 73 24.80 15.32 -33.61
N ASN C 74 25.91 16.01 -33.88
CA ASN C 74 25.81 17.42 -34.26
C ASN C 74 25.24 17.59 -35.67
N SER C 75 25.40 16.59 -36.53
CA SER C 75 24.87 16.71 -37.89
CA SER C 75 24.87 16.71 -37.89
C SER C 75 23.35 16.59 -37.91
N LYS C 76 22.79 15.73 -37.06
CA LYS C 76 21.36 15.60 -36.94
C LYS C 76 20.74 16.56 -35.92
N ASN C 77 21.56 17.39 -35.29
CA ASN C 77 21.12 18.33 -34.25
C ASN C 77 20.32 17.61 -33.16
N THR C 78 20.86 16.49 -32.68
CA THR C 78 20.12 15.64 -31.74
C THR C 78 21.01 15.26 -30.56
N LEU C 79 20.42 15.35 -29.37
CA LEU C 79 21.06 14.96 -28.12
C LEU C 79 20.41 13.68 -27.58
N TYR C 80 21.21 12.85 -26.92
CA TYR C 80 20.74 11.56 -26.44
C TYR C 80 21.11 11.34 -24.97
N LEU C 81 20.28 10.56 -24.29
CA LEU C 81 20.57 10.10 -22.93
C LEU C 81 20.28 8.61 -22.86
N GLN C 82 21.33 7.82 -22.68
CA GLN C 82 21.21 6.38 -22.54
C GLN C 82 21.09 6.04 -21.05
N MET C 83 19.94 5.50 -20.66
CA MET C 83 19.66 5.20 -19.26
C MET C 83 19.63 3.68 -19.10
N ASN C 84 20.52 3.16 -18.26
CA ASN C 84 20.65 1.72 -18.03
C ASN C 84 20.46 1.43 -16.54
N SER C 85 20.14 0.17 -16.26
CA SER C 85 19.89 -0.30 -14.89
C SER C 85 18.88 0.61 -14.19
N LEU C 86 17.75 0.84 -14.86
CA LEU C 86 16.78 1.81 -14.38
C LEU C 86 16.14 1.37 -13.07
N ARG C 87 15.85 2.36 -12.23
CA ARG C 87 15.21 2.15 -10.94
C ARG C 87 13.93 2.97 -10.87
N ALA C 88 13.14 2.71 -9.82
CA ALA C 88 11.90 3.46 -9.63
C ALA C 88 12.18 4.93 -9.33
N GLU C 89 13.35 5.25 -8.75
CA GLU C 89 13.68 6.64 -8.47
C GLU C 89 13.94 7.44 -9.73
N ASP C 90 14.19 6.78 -10.86
CA ASP C 90 14.41 7.47 -12.12
C ASP C 90 13.12 7.91 -12.80
N THR C 91 11.96 7.56 -12.23
CA THR C 91 10.68 7.99 -12.78
C THR C 91 10.54 9.50 -12.64
N ALA C 92 10.48 10.20 -13.76
CA ALA C 92 10.40 11.66 -13.76
C ALA C 92 10.15 12.14 -15.18
N VAL C 93 9.83 13.42 -15.30
CA VAL C 93 9.83 14.11 -16.59
C VAL C 93 11.25 14.58 -16.85
N TYR C 94 11.82 14.16 -17.98
CA TYR C 94 13.20 14.49 -18.31
C TYR C 94 13.24 15.63 -19.33
N TYR C 95 13.97 16.68 -18.99
CA TYR C 95 14.08 17.87 -19.82
C TYR C 95 15.48 17.98 -20.43
N CYS C 96 15.53 18.55 -21.64
CA CYS C 96 16.76 18.86 -22.34
CA CYS C 96 16.78 18.86 -22.30
C CYS C 96 16.91 20.37 -22.41
N ALA C 97 18.10 20.87 -22.06
CA ALA C 97 18.31 22.31 -21.97
C ALA C 97 19.63 22.71 -22.62
N LYS C 98 19.63 23.90 -23.22
CA LYS C 98 20.81 24.45 -23.88
C LYS C 98 21.62 25.27 -22.88
N ALA C 99 22.93 25.09 -22.91
CA ALA C 99 23.82 25.90 -22.09
C ALA C 99 23.76 27.35 -22.53
N TYR C 100 24.02 28.25 -21.58
CA TYR C 100 24.00 29.68 -21.88
C TYR C 100 25.16 30.03 -22.81
N ARG C 101 25.01 31.15 -23.52
CA ARG C 101 25.96 31.53 -24.56
C ARG C 101 27.32 31.85 -23.96
N THR C 102 28.36 31.66 -24.77
CA THR C 102 29.72 32.00 -24.37
C THR C 102 29.83 33.50 -24.08
N SER C 103 30.56 33.83 -23.03
CA SER C 103 30.80 35.22 -22.65
C SER C 103 32.14 35.29 -21.94
N LEU C 104 32.35 36.36 -21.18
CA LEU C 104 33.51 36.47 -20.31
C LEU C 104 33.25 35.87 -18.93
N ASP C 105 32.02 35.42 -18.66
CA ASP C 105 31.70 34.77 -17.40
C ASP C 105 32.50 33.48 -17.24
N LYS C 106 32.76 33.12 -15.98
CA LYS C 106 33.44 31.87 -15.66
C LYS C 106 32.48 30.72 -15.40
N LYS C 107 31.28 31.01 -14.91
CA LYS C 107 30.27 30.00 -14.62
C LYS C 107 29.14 30.10 -15.62
N TYR C 108 28.57 28.95 -16.00
CA TYR C 108 27.59 28.89 -17.07
C TYR C 108 26.39 28.06 -16.66
N GLY C 109 25.19 28.60 -16.88
CA GLY C 109 23.95 27.88 -16.65
C GLY C 109 23.27 27.48 -17.93
N MET C 110 21.94 27.55 -17.97
CA MET C 110 21.14 27.13 -19.11
C MET C 110 20.10 28.19 -19.40
N ASP C 111 19.62 28.27 -20.65
CA ASP C 111 18.55 29.21 -20.96
C ASP C 111 17.32 28.51 -21.53
N VAL C 112 17.36 27.93 -22.72
CA VAL C 112 16.15 27.37 -23.33
C VAL C 112 16.03 25.89 -22.99
N TRP C 113 14.83 25.51 -22.53
CA TRP C 113 14.48 24.15 -22.14
C TRP C 113 13.49 23.59 -23.14
N GLY C 114 13.50 22.26 -23.27
CA GLY C 114 12.51 21.57 -24.08
C GLY C 114 11.26 21.24 -23.29
N GLN C 115 10.25 20.75 -24.00
CA GLN C 115 8.97 20.46 -23.35
CA GLN C 115 8.97 20.45 -23.38
C GLN C 115 9.05 19.26 -22.42
N GLY C 116 10.07 18.42 -22.56
CA GLY C 116 10.25 17.29 -21.68
C GLY C 116 9.58 16.03 -22.20
N THR C 117 10.09 14.89 -21.74
CA THR C 117 9.50 13.59 -22.01
C THR C 117 9.42 12.81 -20.70
N THR C 118 8.36 12.01 -20.56
CA THR C 118 8.07 11.32 -19.32
C THR C 118 8.60 9.90 -19.35
N VAL C 119 9.36 9.53 -18.33
CA VAL C 119 9.89 8.18 -18.16
C VAL C 119 9.30 7.60 -16.88
N THR C 120 8.73 6.40 -16.99
CA THR C 120 8.08 5.73 -15.87
C THR C 120 8.68 4.34 -15.69
N VAL C 121 9.27 4.09 -14.54
CA VAL C 121 9.85 2.80 -14.20
C VAL C 121 8.95 2.15 -13.15
N SER C 122 8.42 0.98 -13.49
CA SER C 122 7.49 0.29 -12.60
C SER C 122 7.43 -1.18 -13.00
N SER C 123 7.16 -2.03 -12.00
CA SER C 123 6.96 -3.45 -12.26
C SER C 123 5.59 -3.77 -12.81
N ALA C 124 4.69 -2.79 -12.86
CA ALA C 124 3.33 -3.03 -13.32
C ALA C 124 3.30 -3.31 -14.81
N SER C 125 2.27 -4.05 -15.22
CA SER C 125 2.03 -4.35 -16.62
C SER C 125 0.83 -3.56 -17.12
N THR C 126 0.72 -3.45 -18.45
CA THR C 126 -0.37 -2.70 -19.05
C THR C 126 -1.71 -3.31 -18.66
N LYS C 127 -2.58 -2.50 -18.07
CA LYS C 127 -3.89 -2.96 -17.62
C LYS C 127 -4.94 -1.93 -17.98
N GLY C 128 -6.05 -2.40 -18.53
CA GLY C 128 -7.18 -1.55 -18.84
C GLY C 128 -7.92 -1.12 -17.59
N PRO C 129 -8.61 0.02 -17.68
CA PRO C 129 -9.31 0.55 -16.50
C PRO C 129 -10.65 -0.15 -16.26
N SER C 130 -11.11 -0.05 -15.02
CA SER C 130 -12.44 -0.47 -14.61
C SER C 130 -13.22 0.77 -14.24
N VAL C 131 -14.34 1.00 -14.93
CA VAL C 131 -15.13 2.21 -14.77
C VAL C 131 -16.38 1.88 -13.96
N PHE C 132 -16.54 2.54 -12.81
CA PHE C 132 -17.67 2.32 -11.93
C PHE C 132 -18.46 3.62 -11.77
N PRO C 133 -19.78 3.53 -11.67
CA PRO C 133 -20.58 4.76 -11.59
C PRO C 133 -20.48 5.42 -10.22
N LEU C 134 -20.45 6.75 -10.23
CA LEU C 134 -20.60 7.55 -9.03
C LEU C 134 -22.01 8.12 -9.07
N ALA C 135 -22.96 7.36 -8.52
CA ALA C 135 -24.37 7.63 -8.74
C ALA C 135 -24.83 8.83 -7.92
N PRO C 136 -25.63 9.71 -8.51
CA PRO C 136 -26.20 10.82 -7.74
C PRO C 136 -27.33 10.36 -6.84
N SER C 137 -27.48 11.06 -5.72
CA SER C 137 -28.52 10.78 -4.74
C SER C 137 -28.71 12.03 -3.90
N SER C 138 -29.51 11.91 -2.84
CA SER C 138 -29.68 13.03 -1.91
C SER C 138 -28.39 13.37 -1.19
N LYS C 139 -27.43 12.45 -1.17
CA LYS C 139 -26.13 12.66 -0.54
C LYS C 139 -25.12 13.28 -1.50
N SER C 140 -25.55 13.65 -2.71
CA SER C 140 -24.70 14.31 -3.68
CA SER C 140 -24.69 14.32 -3.67
C SER C 140 -25.41 15.51 -4.30
N THR C 141 -26.25 16.19 -3.51
CA THR C 141 -26.99 17.35 -3.95
C THR C 141 -26.69 18.54 -3.04
N SER C 142 -26.60 19.72 -3.65
CA SER C 142 -26.42 20.97 -2.92
C SER C 142 -27.31 22.01 -3.58
N GLY C 143 -28.38 22.40 -2.90
CA GLY C 143 -29.36 23.27 -3.53
C GLY C 143 -30.12 22.49 -4.60
N GLY C 144 -30.22 23.07 -5.79
CA GLY C 144 -30.88 22.42 -6.90
C GLY C 144 -29.90 21.78 -7.87
N THR C 145 -28.70 21.49 -7.39
CA THR C 145 -27.64 20.92 -8.22
C THR C 145 -27.25 19.55 -7.68
N ALA C 146 -27.09 18.59 -8.57
CA ALA C 146 -26.69 17.24 -8.23
C ALA C 146 -25.32 16.92 -8.85
N ALA C 147 -24.55 16.11 -8.15
CA ALA C 147 -23.23 15.70 -8.60
C ALA C 147 -23.24 14.23 -8.98
N LEU C 148 -22.51 13.89 -10.04
CA LEU C 148 -22.41 12.52 -10.52
C LEU C 148 -21.08 12.39 -11.25
N GLY C 149 -20.67 11.14 -11.47
CA GLY C 149 -19.43 10.92 -12.18
C GLY C 149 -19.09 9.45 -12.33
N CYS C 150 -17.81 9.21 -12.60
CA CYS C 150 -17.29 7.87 -12.83
CA CYS C 150 -17.29 7.86 -12.79
C CYS C 150 -15.96 7.71 -12.10
N LEU C 151 -15.73 6.51 -11.56
CA LEU C 151 -14.44 6.16 -10.97
C LEU C 151 -13.70 5.28 -11.97
N VAL C 152 -12.57 5.78 -12.46
CA VAL C 152 -11.70 5.04 -13.37
C VAL C 152 -10.59 4.45 -12.52
N LYS C 153 -10.60 3.13 -12.33
CA LYS C 153 -9.77 2.52 -11.31
C LYS C 153 -8.90 1.40 -11.89
N ASP C 154 -7.71 1.26 -11.29
CA ASP C 154 -6.78 0.15 -11.54
C ASP C 154 -6.40 0.04 -13.01
N TYR C 155 -5.78 1.10 -13.53
CA TYR C 155 -5.26 1.11 -14.90
C TYR C 155 -3.77 1.40 -14.89
N PHE C 156 -3.10 1.00 -15.97
CA PHE C 156 -1.67 1.21 -16.14
C PHE C 156 -1.33 1.11 -17.61
N PRO C 157 -0.49 2.01 -18.15
CA PRO C 157 0.03 3.19 -17.48
C PRO C 157 -0.80 4.43 -17.80
N GLU C 158 -0.34 5.60 -17.37
CA GLU C 158 -0.94 6.84 -17.79
C GLU C 158 -0.76 7.01 -19.30
N PRO C 159 -1.63 7.77 -19.97
CA PRO C 159 -2.74 8.58 -19.47
C PRO C 159 -4.12 7.97 -19.71
N VAL C 160 -5.13 8.57 -19.08
CA VAL C 160 -6.52 8.26 -19.34
C VAL C 160 -7.25 9.58 -19.60
N THR C 161 -8.08 9.60 -20.65
CA THR C 161 -8.91 10.75 -20.97
C THR C 161 -10.37 10.36 -20.81
N VAL C 162 -11.17 11.28 -20.25
CA VAL C 162 -12.57 11.04 -19.95
C VAL C 162 -13.40 12.15 -20.59
N SER C 163 -14.46 11.77 -21.29
CA SER C 163 -15.42 12.71 -21.84
C SER C 163 -16.82 12.30 -21.39
N TRP C 164 -17.77 13.22 -21.55
CA TRP C 164 -19.14 13.00 -21.13
C TRP C 164 -20.08 13.19 -22.31
N ASN C 165 -20.97 12.21 -22.50
CA ASN C 165 -21.94 12.20 -23.60
C ASN C 165 -21.23 12.38 -24.95
N SER C 166 -20.14 11.63 -25.13
CA SER C 166 -19.36 11.63 -26.36
C SER C 166 -18.82 13.01 -26.70
N GLY C 167 -18.57 13.83 -25.67
CA GLY C 167 -18.06 15.17 -25.87
C GLY C 167 -19.11 16.25 -25.99
N ALA C 168 -20.40 15.89 -25.98
CA ALA C 168 -21.46 16.89 -26.05
C ALA C 168 -21.71 17.59 -24.72
N LEU C 169 -21.12 17.10 -23.63
CA LEU C 169 -21.25 17.72 -22.32
C LEU C 169 -19.87 18.20 -21.89
N THR C 170 -19.67 19.51 -21.84
CA THR C 170 -18.37 20.09 -21.54
C THR C 170 -18.35 20.97 -20.29
N SER C 171 -19.50 21.45 -19.83
CA SER C 171 -19.54 22.37 -18.70
C SER C 171 -19.75 21.61 -17.39
N GLY C 172 -19.27 22.21 -16.30
CA GLY C 172 -19.40 21.63 -14.98
C GLY C 172 -18.64 20.35 -14.75
N VAL C 173 -17.68 20.03 -15.61
CA VAL C 173 -16.93 18.78 -15.53
C VAL C 173 -15.62 19.03 -14.80
N HIS C 174 -15.30 18.15 -13.85
CA HIS C 174 -14.01 18.15 -13.17
C HIS C 174 -13.42 16.74 -13.27
N THR C 175 -12.38 16.58 -14.08
CA THR C 175 -11.64 15.33 -14.15
C THR C 175 -10.37 15.49 -13.32
N PHE C 176 -10.29 14.74 -12.24
CA PHE C 176 -9.22 14.94 -11.27
C PHE C 176 -7.92 14.29 -11.75
N PRO C 177 -6.78 14.85 -11.34
CA PRO C 177 -5.50 14.20 -11.63
C PRO C 177 -5.44 12.83 -11.00
N ALA C 178 -4.86 11.87 -11.72
CA ALA C 178 -4.79 10.51 -11.24
C ALA C 178 -3.89 10.41 -10.01
N VAL C 179 -4.17 9.39 -9.19
CA VAL C 179 -3.33 9.08 -8.04
C VAL C 179 -2.71 7.71 -8.28
N LEU C 180 -1.49 7.53 -7.77
CA LEU C 180 -0.79 6.26 -7.88
C LEU C 180 -1.06 5.45 -6.62
N GLN C 181 -1.92 4.44 -6.74
CA GLN C 181 -2.24 3.59 -5.61
C GLN C 181 -1.02 2.77 -5.19
N SER C 182 -1.02 2.34 -3.93
CA SER C 182 0.10 1.58 -3.40
C SER C 182 0.30 0.25 -4.11
N SER C 183 -0.71 -0.20 -4.87
CA SER C 183 -0.59 -1.41 -5.67
C SER C 183 0.21 -1.19 -6.95
N GLY C 184 0.56 0.05 -7.28
CA GLY C 184 1.24 0.36 -8.52
C GLY C 184 0.33 0.71 -9.67
N LEU C 185 -0.99 0.67 -9.48
CA LEU C 185 -1.96 0.99 -10.52
C LEU C 185 -2.58 2.35 -10.24
N TYR C 186 -2.95 3.05 -11.31
CA TYR C 186 -3.48 4.39 -11.19
C TYR C 186 -5.01 4.37 -11.08
N SER C 187 -5.55 5.44 -10.51
CA SER C 187 -6.99 5.62 -10.39
C SER C 187 -7.32 7.10 -10.39
N LEU C 188 -8.45 7.46 -11.01
CA LEU C 188 -8.91 8.84 -11.05
C LEU C 188 -10.43 8.84 -11.08
N SER C 189 -11.01 10.03 -10.90
CA SER C 189 -12.44 10.23 -10.98
C SER C 189 -12.75 11.48 -11.81
N SER C 190 -13.84 11.41 -12.56
CA SER C 190 -14.39 12.55 -13.27
C SER C 190 -15.80 12.79 -12.76
N VAL C 191 -16.13 14.04 -12.44
CA VAL C 191 -17.42 14.39 -11.87
C VAL C 191 -18.01 15.57 -12.64
N VAL C 192 -19.34 15.63 -12.69
CA VAL C 192 -20.07 16.70 -13.36
CA VAL C 192 -20.04 16.72 -13.34
C VAL C 192 -21.20 17.16 -12.45
N THR C 193 -21.44 18.47 -12.40
CA THR C 193 -22.54 19.04 -11.64
C THR C 193 -23.63 19.45 -12.63
N VAL C 194 -24.83 18.91 -12.43
CA VAL C 194 -25.96 19.16 -13.33
C VAL C 194 -27.16 19.56 -12.49
N PRO C 195 -28.17 20.17 -13.11
CA PRO C 195 -29.42 20.44 -12.38
C PRO C 195 -30.06 19.14 -11.91
N SER C 196 -30.57 19.15 -10.67
CA SER C 196 -31.24 17.97 -10.14
C SER C 196 -32.49 17.63 -10.93
N SER C 197 -33.11 18.63 -11.57
CA SER C 197 -34.35 18.41 -12.30
C SER C 197 -34.15 17.70 -13.62
N SER C 198 -32.90 17.48 -14.05
CA SER C 198 -32.62 16.82 -15.32
C SER C 198 -32.37 15.32 -15.18
N LEU C 199 -32.18 14.83 -13.95
CA LEU C 199 -31.79 13.44 -13.75
C LEU C 199 -32.85 12.45 -14.25
N GLY C 200 -34.10 12.88 -14.37
CA GLY C 200 -35.14 11.99 -14.84
C GLY C 200 -35.32 12.00 -16.35
N THR C 201 -34.77 13.02 -17.01
CA THR C 201 -34.97 13.19 -18.44
C THR C 201 -33.67 13.24 -19.25
N GLN C 202 -32.51 13.38 -18.60
CA GLN C 202 -31.23 13.46 -19.29
C GLN C 202 -30.39 12.23 -18.98
N THR C 203 -29.82 11.62 -20.01
CA THR C 203 -28.92 10.48 -19.85
C THR C 203 -27.49 11.00 -19.77
N TYR C 204 -26.74 10.48 -18.79
CA TYR C 204 -25.35 10.88 -18.57
C TYR C 204 -24.46 9.65 -18.71
N ILE C 205 -23.54 9.70 -19.67
CA ILE C 205 -22.62 8.61 -19.94
C ILE C 205 -21.21 9.17 -19.95
N CYS C 206 -20.31 8.52 -19.21
CA CYS C 206 -18.90 8.84 -19.28
C CYS C 206 -18.21 7.88 -20.24
N ASN C 207 -17.27 8.43 -21.00
CA ASN C 207 -16.54 7.75 -22.07
C ASN C 207 -15.09 7.70 -21.64
N VAL C 208 -14.50 6.50 -21.62
CA VAL C 208 -13.17 6.32 -21.04
C VAL C 208 -12.26 5.64 -22.04
N ASN C 209 -11.21 6.37 -22.43
CA ASN C 209 -10.21 5.94 -23.38
C ASN C 209 -8.88 5.75 -22.66
N HIS C 210 -8.29 4.57 -22.84
CA HIS C 210 -6.97 4.23 -22.33
C HIS C 210 -6.19 3.66 -23.53
N LYS C 211 -5.63 4.56 -24.34
CA LYS C 211 -4.91 4.15 -25.53
C LYS C 211 -3.78 3.15 -25.26
N PRO C 212 -3.03 3.21 -24.14
CA PRO C 212 -2.00 2.18 -23.91
C PRO C 212 -2.54 0.76 -23.94
N SER C 213 -3.75 0.53 -23.43
CA SER C 213 -4.35 -0.80 -23.45
C SER C 213 -5.30 -1.00 -24.62
N ASN C 214 -5.42 -0.01 -25.51
CA ASN C 214 -6.40 -0.04 -26.60
C ASN C 214 -7.79 -0.37 -26.07
N THR C 215 -8.19 0.35 -25.02
CA THR C 215 -9.46 0.13 -24.36
C THR C 215 -10.27 1.42 -24.32
N LYS C 216 -11.55 1.30 -24.65
CA LYS C 216 -12.50 2.42 -24.59
C LYS C 216 -13.78 1.90 -23.94
N VAL C 217 -14.19 2.54 -22.84
CA VAL C 217 -15.31 2.07 -22.03
C VAL C 217 -16.32 3.21 -21.87
N ASP C 218 -17.59 2.90 -22.10
CA ASP C 218 -18.70 3.81 -21.82
C ASP C 218 -19.51 3.27 -20.65
N LYS C 219 -19.91 4.16 -19.74
CA LYS C 219 -20.66 3.77 -18.55
C LYS C 219 -21.79 4.76 -18.32
N LYS C 220 -23.01 4.26 -18.29
CA LYS C 220 -24.18 5.09 -18.00
C LYS C 220 -24.35 5.20 -16.49
N VAL C 221 -24.46 6.44 -16.00
CA VAL C 221 -24.56 6.71 -14.57
C VAL C 221 -26.02 7.01 -14.24
N GLU C 222 -26.63 6.14 -13.43
CA GLU C 222 -28.04 6.26 -13.08
C GLU C 222 -28.20 6.68 -11.62
N PRO C 223 -29.22 7.50 -11.32
CA PRO C 223 -29.43 7.94 -9.93
C PRO C 223 -29.88 6.79 -9.05
N LYS C 224 -29.63 6.95 -7.75
CA LYS C 224 -30.04 5.98 -6.74
C LYS C 224 -31.14 6.56 -5.87
N SER C 225 -31.89 5.66 -5.24
CA SER C 225 -33.06 6.04 -4.44
C SER C 225 -32.68 6.14 -2.96
N CYS C 226 -31.82 7.11 -2.67
CA CYS C 226 -31.39 7.37 -1.30
C CYS C 226 -30.94 8.82 -1.14
N ASP D 1 27.47 19.70 -1.52
CA ASP D 1 26.67 20.34 -2.55
C ASP D 1 25.92 21.54 -1.98
N ILE D 2 25.45 22.42 -2.86
CA ILE D 2 24.75 23.64 -2.47
C ILE D 2 23.24 23.38 -2.57
N GLN D 3 22.54 23.60 -1.47
CA GLN D 3 21.09 23.42 -1.40
C GLN D 3 20.41 24.78 -1.47
N MET D 4 19.39 24.88 -2.32
CA MET D 4 18.63 26.12 -2.50
C MET D 4 17.25 25.94 -1.88
N THR D 5 16.88 26.86 -0.99
CA THR D 5 15.57 26.86 -0.34
C THR D 5 14.85 28.16 -0.64
N GLN D 6 13.56 28.04 -0.97
CA GLN D 6 12.74 29.20 -1.30
C GLN D 6 11.65 29.38 -0.25
N SER D 7 11.16 30.63 -0.14
CA SER D 7 10.11 30.97 0.78
C SER D 7 9.32 32.14 0.21
N PRO D 8 7.98 32.11 0.29
CA PRO D 8 7.22 30.97 0.81
C PRO D 8 7.07 29.88 -0.23
N SER D 9 6.42 28.77 0.13
CA SER D 9 6.12 27.74 -0.86
C SER D 9 4.89 28.07 -1.68
N THR D 10 3.99 28.90 -1.15
CA THR D 10 2.79 29.31 -1.87
C THR D 10 2.48 30.74 -1.46
N LEU D 11 2.19 31.58 -2.45
CA LEU D 11 1.87 32.99 -2.22
C LEU D 11 0.55 33.31 -2.92
N SER D 12 -0.41 33.83 -2.15
CA SER D 12 -1.70 34.22 -2.68
C SER D 12 -1.73 35.73 -2.85
N ALA D 13 -1.90 36.18 -4.09
CA ALA D 13 -1.93 37.60 -4.41
C ALA D 13 -2.95 37.85 -5.51
N SER D 14 -3.30 39.12 -5.68
CA SER D 14 -4.25 39.55 -6.69
C SER D 14 -3.54 40.30 -7.80
N VAL D 15 -4.25 40.48 -8.92
CA VAL D 15 -3.69 41.20 -10.06
C VAL D 15 -3.41 42.64 -9.66
N GLY D 16 -2.22 43.12 -9.99
CA GLY D 16 -1.81 44.47 -9.66
C GLY D 16 -1.03 44.61 -8.37
N ASP D 17 -0.77 43.51 -7.66
CA ASP D 17 -0.06 43.56 -6.40
C ASP D 17 1.44 43.42 -6.62
N ARG D 18 2.21 43.84 -5.61
CA ARG D 18 3.65 43.66 -5.60
C ARG D 18 3.99 42.38 -4.85
N VAL D 19 4.80 41.53 -5.46
CA VAL D 19 5.08 40.19 -4.95
C VAL D 19 6.59 40.00 -4.88
N THR D 20 7.07 39.46 -3.75
CA THR D 20 8.48 39.20 -3.54
C THR D 20 8.69 37.76 -3.13
N ILE D 21 9.56 37.06 -3.86
CA ILE D 21 9.92 35.68 -3.59
C ILE D 21 11.39 35.63 -3.21
N THR D 22 11.72 34.85 -2.18
CA THR D 22 13.07 34.77 -1.64
C THR D 22 13.67 33.40 -1.90
N CYS D 23 14.97 33.37 -2.19
CA CYS D 23 15.72 32.14 -2.42
C CYS D 23 17.03 32.24 -1.66
N ARG D 24 17.35 31.22 -0.87
CA ARG D 24 18.56 31.20 -0.05
C ARG D 24 19.42 30.00 -0.42
N ALA D 25 20.74 30.24 -0.50
CA ALA D 25 21.71 29.20 -0.78
C ALA D 25 22.43 28.80 0.51
N SER D 26 22.79 27.52 0.59
CA SER D 26 23.47 27.01 1.79
C SER D 26 24.85 27.62 1.94
N GLN D 27 25.52 27.96 0.84
CA GLN D 27 26.79 28.66 0.88
C GLN D 27 26.78 29.71 -0.22
N SER D 28 27.79 30.58 -0.20
CA SER D 28 27.83 31.69 -1.14
C SER D 28 27.94 31.19 -2.57
N ILE D 29 27.05 31.70 -3.42
CA ILE D 29 27.09 31.44 -4.85
C ILE D 29 27.41 32.71 -5.64
N ALA D 30 27.93 33.74 -4.97
CA ALA D 30 28.17 35.05 -5.58
C ALA D 30 26.90 35.59 -6.19
N SER D 31 26.88 35.75 -7.52
CA SER D 31 25.67 36.14 -8.22
C SER D 31 25.26 35.11 -9.28
N TRP D 32 25.83 33.91 -9.24
CA TRP D 32 25.51 32.85 -10.20
C TRP D 32 24.17 32.22 -9.83
N LEU D 33 23.09 32.99 -10.07
CA LEU D 33 21.74 32.61 -9.71
C LEU D 33 20.81 32.89 -10.88
N ALA D 34 19.84 32.00 -11.09
CA ALA D 34 18.90 32.14 -12.19
C ALA D 34 17.49 31.88 -11.68
N TRP D 35 16.53 32.67 -12.18
CA TRP D 35 15.13 32.55 -11.82
C TRP D 35 14.34 32.04 -13.03
N TYR D 36 13.49 31.03 -12.80
CA TYR D 36 12.69 30.40 -13.84
C TYR D 36 11.20 30.51 -13.51
N GLN D 37 10.39 30.55 -14.56
CA GLN D 37 8.93 30.49 -14.46
C GLN D 37 8.46 29.19 -15.09
N GLN D 38 7.55 28.50 -14.41
CA GLN D 38 7.00 27.26 -14.96
C GLN D 38 5.50 27.20 -14.70
N LYS D 39 4.75 26.83 -15.73
CA LYS D 39 3.31 26.66 -15.66
C LYS D 39 2.94 25.20 -15.87
N PRO D 40 1.80 24.75 -15.36
CA PRO D 40 1.44 23.32 -15.44
C PRO D 40 1.50 22.75 -16.85
N GLY D 41 2.28 21.69 -17.02
CA GLY D 41 2.40 21.02 -18.30
C GLY D 41 3.34 21.68 -19.29
N LYS D 42 4.07 22.71 -18.87
CA LYS D 42 4.96 23.45 -19.76
C LYS D 42 6.37 23.46 -19.20
N ALA D 43 7.31 23.80 -20.09
CA ALA D 43 8.72 23.85 -19.72
C ALA D 43 9.02 25.10 -18.89
N PRO D 44 10.06 25.06 -18.06
CA PRO D 44 10.49 26.28 -17.37
C PRO D 44 11.07 27.30 -18.35
N LYS D 45 10.78 28.57 -18.10
CA LYS D 45 11.30 29.67 -18.90
C LYS D 45 12.23 30.52 -18.05
N LEU D 46 13.44 30.75 -18.55
CA LEU D 46 14.41 31.57 -17.86
C LEU D 46 13.95 33.02 -17.85
N LEU D 47 13.78 33.59 -16.66
CA LEU D 47 13.38 34.98 -16.52
C LEU D 47 14.57 35.90 -16.20
N ILE D 48 15.42 35.50 -15.26
CA ILE D 48 16.53 36.31 -14.79
C ILE D 48 17.77 35.44 -14.69
N TYR D 49 18.90 35.98 -15.15
CA TYR D 49 20.18 35.30 -15.16
C TYR D 49 21.21 36.17 -14.44
N LYS D 50 22.14 35.51 -13.75
CA LYS D 50 23.15 36.20 -12.95
C LYS D 50 22.50 37.18 -11.96
N ALA D 51 21.40 36.73 -11.35
CA ALA D 51 20.71 37.40 -10.24
C ALA D 51 19.88 38.60 -10.67
N SER D 52 20.39 39.45 -11.56
CA SER D 52 19.72 40.71 -11.86
C SER D 52 19.46 40.96 -13.35
N SER D 53 20.04 40.20 -14.25
CA SER D 53 19.94 40.50 -15.69
C SER D 53 18.64 39.93 -16.24
N LEU D 54 17.73 40.81 -16.65
CA LEU D 54 16.49 40.37 -17.29
C LEU D 54 16.79 39.76 -18.66
N GLU D 55 16.09 38.67 -18.96
CA GLU D 55 16.21 38.05 -20.27
C GLU D 55 15.33 38.77 -21.28
N SER D 56 15.72 38.68 -22.55
CA SER D 56 14.99 39.37 -23.61
C SER D 56 13.56 38.85 -23.71
N GLY D 57 12.61 39.78 -23.88
CA GLY D 57 11.21 39.45 -23.95
C GLY D 57 10.51 39.35 -22.61
N VAL D 58 11.24 39.33 -21.51
CA VAL D 58 10.63 39.28 -20.18
C VAL D 58 10.23 40.70 -19.78
N PRO D 59 8.97 40.94 -19.39
CA PRO D 59 8.53 42.30 -19.08
C PRO D 59 9.33 42.91 -17.93
N SER D 60 9.42 44.24 -17.96
CA SER D 60 10.23 44.99 -17.00
C SER D 60 9.70 44.92 -15.58
N ARG D 61 8.47 44.46 -15.37
CA ARG D 61 7.93 44.34 -14.01
C ARG D 61 8.66 43.28 -13.20
N PHE D 62 9.42 42.40 -13.86
CA PHE D 62 10.23 41.41 -13.16
C PHE D 62 11.60 42.00 -12.84
N SER D 63 12.07 41.76 -11.62
CA SER D 63 13.38 42.23 -11.21
C SER D 63 13.97 41.23 -10.22
N GLY D 64 15.28 41.11 -10.26
CA GLY D 64 15.99 40.23 -9.35
C GLY D 64 17.14 40.96 -8.68
N SER D 65 17.37 40.61 -7.41
CA SER D 65 18.40 41.25 -6.60
C SER D 65 18.99 40.23 -5.66
N GLY D 66 20.20 40.53 -5.16
CA GLY D 66 20.82 39.70 -4.15
C GLY D 66 22.22 39.21 -4.50
N SER D 67 22.91 38.70 -3.48
CA SER D 67 24.26 38.17 -3.65
CA SER D 67 24.26 38.18 -3.65
C SER D 67 24.59 37.29 -2.47
N GLY D 68 25.58 36.42 -2.67
CA GLY D 68 26.03 35.53 -1.61
C GLY D 68 25.05 34.40 -1.33
N THR D 69 24.28 34.53 -0.25
CA THR D 69 23.37 33.48 0.18
C THR D 69 21.90 33.88 0.16
N GLU D 70 21.58 35.13 -0.11
CA GLU D 70 20.20 35.61 -0.08
C GLU D 70 19.87 36.30 -1.40
N PHE D 71 18.78 35.88 -2.04
CA PHE D 71 18.38 36.40 -3.33
C PHE D 71 16.87 36.59 -3.34
N THR D 72 16.40 37.58 -4.11
CA THR D 72 14.98 37.90 -4.18
C THR D 72 14.55 38.10 -5.63
N LEU D 73 13.30 37.75 -5.90
CA LEU D 73 12.64 38.00 -7.18
C LEU D 73 11.36 38.77 -6.91
N THR D 74 11.22 39.93 -7.55
CA THR D 74 10.08 40.82 -7.31
C THR D 74 9.31 41.04 -8.60
N ILE D 75 7.99 41.00 -8.49
CA ILE D 75 7.08 41.38 -9.56
C ILE D 75 6.37 42.65 -9.10
N SER D 76 6.62 43.76 -9.79
CA SER D 76 6.14 45.06 -9.32
C SER D 76 4.63 45.15 -9.38
N SER D 77 4.02 44.72 -10.48
CA SER D 77 2.57 44.72 -10.64
C SER D 77 2.16 43.40 -11.24
N LEU D 78 1.47 42.58 -10.46
CA LEU D 78 1.17 41.21 -10.87
C LEU D 78 0.12 41.19 -11.98
N HIS D 79 0.38 40.40 -13.02
CA HIS D 79 -0.52 40.18 -14.15
C HIS D 79 -1.11 38.78 -14.09
N PRO D 80 -2.28 38.56 -14.70
CA PRO D 80 -2.82 37.18 -14.77
C PRO D 80 -1.87 36.21 -15.43
N ASP D 81 -1.03 36.68 -16.36
CA ASP D 81 -0.04 35.82 -17.00
C ASP D 81 1.07 35.41 -16.04
N ASP D 82 1.21 36.10 -14.90
CA ASP D 82 2.30 35.85 -13.98
C ASP D 82 1.99 34.76 -12.95
N PHE D 83 0.73 34.40 -12.77
CA PHE D 83 0.37 33.35 -11.81
C PHE D 83 0.93 32.02 -12.29
N ALA D 84 1.99 31.56 -11.63
CA ALA D 84 2.68 30.33 -11.99
C ALA D 84 3.58 29.95 -10.82
N THR D 85 4.39 28.93 -11.02
CA THR D 85 5.42 28.53 -10.07
C THR D 85 6.77 29.06 -10.52
N TYR D 86 7.54 29.59 -9.57
CA TYR D 86 8.84 30.20 -9.84
C TYR D 86 9.92 29.44 -9.08
N PHE D 87 11.01 29.11 -9.79
CA PHE D 87 12.14 28.37 -9.23
C PHE D 87 13.42 29.20 -9.33
N CYS D 88 14.36 28.94 -8.41
CA CYS D 88 15.70 29.50 -8.48
C CYS D 88 16.72 28.38 -8.69
N GLN D 89 17.89 28.76 -9.23
CA GLN D 89 18.93 27.80 -9.59
C GLN D 89 20.29 28.44 -9.48
N GLN D 90 21.22 27.74 -8.84
CA GLN D 90 22.62 28.16 -8.76
C GLN D 90 23.42 27.44 -9.82
N PHE D 91 24.38 28.14 -10.44
CA PHE D 91 25.23 27.51 -11.45
C PHE D 91 26.72 27.74 -11.22
N THR D 92 27.16 27.82 -9.96
CA THR D 92 28.60 27.84 -9.67
C THR D 92 29.15 26.46 -9.36
N SER D 93 28.39 25.61 -8.66
CA SER D 93 28.80 24.24 -8.35
C SER D 93 27.72 23.30 -8.87
N TYR D 94 27.95 22.73 -10.05
CA TYR D 94 26.95 21.93 -10.78
C TYR D 94 25.70 22.81 -10.91
N TRP D 95 24.51 22.23 -10.81
CA TRP D 95 23.27 22.97 -10.97
C TRP D 95 22.23 22.37 -10.02
N THR D 96 21.80 23.15 -9.03
CA THR D 96 20.78 22.73 -8.09
C THR D 96 19.69 23.79 -8.03
N PHE D 97 18.49 23.36 -7.62
CA PHE D 97 17.29 24.17 -7.71
C PHE D 97 16.59 24.25 -6.36
N GLY D 98 15.80 25.32 -6.20
CA GLY D 98 14.87 25.41 -5.09
C GLY D 98 13.59 24.61 -5.36
N GLN D 99 12.79 24.43 -4.31
CA GLN D 99 11.58 23.61 -4.42
CA GLN D 99 11.59 23.60 -4.46
C GLN D 99 10.42 24.34 -5.09
N GLY D 100 10.56 25.64 -5.35
CA GLY D 100 9.53 26.35 -6.06
C GLY D 100 8.63 27.17 -5.15
N THR D 101 8.09 28.26 -5.70
CA THR D 101 7.11 29.09 -5.02
C THR D 101 5.94 29.30 -5.97
N LYS D 102 4.77 28.79 -5.59
CA LYS D 102 3.57 28.90 -6.40
C LYS D 102 2.87 30.21 -6.09
N VAL D 103 2.57 30.99 -7.13
CA VAL D 103 1.84 32.24 -7.00
C VAL D 103 0.43 31.99 -7.51
N GLU D 104 -0.53 31.87 -6.59
CA GLU D 104 -1.91 31.57 -6.94
C GLU D 104 -2.77 32.82 -6.83
N ILE D 105 -3.93 32.76 -7.50
CA ILE D 105 -4.84 33.90 -7.54
C ILE D 105 -5.64 33.97 -6.26
N LYS D 106 -5.78 35.18 -5.72
CA LYS D 106 -6.58 35.43 -4.52
C LYS D 106 -7.97 35.91 -4.94
N ARG D 107 -9.00 35.30 -4.38
CA ARG D 107 -10.38 35.67 -4.65
C ARG D 107 -11.18 35.54 -3.36
N THR D 108 -12.48 35.83 -3.45
CA THR D 108 -13.36 35.78 -2.30
C THR D 108 -13.53 34.33 -1.82
N VAL D 109 -13.84 34.19 -0.54
CA VAL D 109 -14.02 32.87 0.04
C VAL D 109 -15.23 32.18 -0.58
N ALA D 110 -15.08 30.90 -0.88
CA ALA D 110 -16.17 30.06 -1.38
C ALA D 110 -16.15 28.75 -0.62
N ALA D 111 -17.28 28.41 0.00
CA ALA D 111 -17.36 27.22 0.81
C ALA D 111 -17.38 25.97 -0.08
N PRO D 112 -16.88 24.84 0.43
CA PRO D 112 -16.83 23.61 -0.38
C PRO D 112 -18.18 22.91 -0.39
N SER D 113 -18.72 22.71 -1.59
CA SER D 113 -19.88 21.86 -1.77
C SER D 113 -19.45 20.41 -1.58
N VAL D 114 -19.99 19.76 -0.55
CA VAL D 114 -19.57 18.41 -0.17
C VAL D 114 -20.55 17.40 -0.76
N PHE D 115 -20.02 16.36 -1.38
CA PHE D 115 -20.81 15.26 -1.91
C PHE D 115 -20.10 13.95 -1.58
N ILE D 116 -20.88 12.90 -1.31
CA ILE D 116 -20.33 11.57 -1.08
C ILE D 116 -21.06 10.58 -1.99
N PHE D 117 -20.32 9.58 -2.46
CA PHE D 117 -20.85 8.58 -3.39
C PHE D 117 -20.58 7.20 -2.83
N PRO D 118 -21.61 6.38 -2.62
CA PRO D 118 -21.40 5.01 -2.14
C PRO D 118 -20.74 4.16 -3.21
N PRO D 119 -20.10 3.05 -2.84
CA PRO D 119 -19.52 2.17 -3.85
C PRO D 119 -20.59 1.52 -4.70
N SER D 120 -20.27 1.34 -5.98
CA SER D 120 -21.22 0.73 -6.90
C SER D 120 -21.32 -0.77 -6.65
N ASP D 121 -22.51 -1.31 -6.92
CA ASP D 121 -22.70 -2.76 -6.81
C ASP D 121 -21.81 -3.51 -7.79
N GLU D 122 -21.47 -2.88 -8.91
CA GLU D 122 -20.57 -3.51 -9.88
CA GLU D 122 -20.58 -3.50 -9.88
C GLU D 122 -19.20 -3.73 -9.28
N GLN D 123 -18.69 -2.73 -8.55
CA GLN D 123 -17.38 -2.89 -7.92
C GLN D 123 -17.43 -3.88 -6.76
N LEU D 124 -18.50 -3.82 -5.97
CA LEU D 124 -18.67 -4.76 -4.86
C LEU D 124 -18.64 -6.19 -5.35
N LYS D 125 -19.23 -6.45 -6.52
CA LYS D 125 -19.21 -7.79 -7.09
C LYS D 125 -17.80 -8.26 -7.42
N SER D 126 -16.86 -7.33 -7.62
CA SER D 126 -15.48 -7.67 -7.88
C SER D 126 -14.66 -7.84 -6.61
N GLY D 127 -15.26 -7.62 -5.44
CA GLY D 127 -14.57 -7.83 -4.19
C GLY D 127 -13.88 -6.62 -3.60
N THR D 128 -14.27 -5.41 -4.02
CA THR D 128 -13.66 -4.19 -3.52
C THR D 128 -14.74 -3.12 -3.37
N ALA D 129 -14.51 -2.18 -2.46
CA ALA D 129 -15.44 -1.09 -2.19
C ALA D 129 -14.67 0.22 -2.12
N SER D 130 -15.04 1.17 -2.98
CA SER D 130 -14.46 2.51 -2.98
C SER D 130 -15.54 3.53 -2.65
N VAL D 131 -15.25 4.41 -1.70
CA VAL D 131 -16.14 5.49 -1.30
C VAL D 131 -15.46 6.81 -1.60
N VAL D 132 -16.17 7.72 -2.26
CA VAL D 132 -15.61 8.96 -2.76
C VAL D 132 -16.33 10.14 -2.11
N CYS D 133 -15.57 11.02 -1.48
CA CYS D 133 -16.05 12.30 -1.00
C CYS D 133 -15.59 13.38 -1.97
N LEU D 134 -16.47 14.33 -2.29
CA LEU D 134 -16.20 15.34 -3.30
C LEU D 134 -16.38 16.73 -2.71
N LEU D 135 -15.30 17.51 -2.72
CA LEU D 135 -15.33 18.93 -2.38
C LEU D 135 -15.21 19.72 -3.68
N ASN D 136 -16.17 20.60 -3.93
CA ASN D 136 -16.28 21.21 -5.25
C ASN D 136 -16.32 22.73 -5.17
N ASN D 137 -15.52 23.35 -6.04
CA ASN D 137 -15.49 24.80 -6.28
C ASN D 137 -15.39 25.59 -4.97
N PHE D 138 -14.31 25.33 -4.24
CA PHE D 138 -14.05 25.97 -2.96
C PHE D 138 -12.79 26.83 -3.03
N TYR D 139 -12.82 27.94 -2.28
CA TYR D 139 -11.66 28.80 -2.06
C TYR D 139 -11.65 29.26 -0.61
N PRO D 140 -10.51 29.16 0.11
CA PRO D 140 -9.18 28.81 -0.37
C PRO D 140 -8.92 27.32 -0.49
N ARG D 141 -7.65 26.96 -0.72
CA ARG D 141 -7.29 25.57 -0.97
C ARG D 141 -7.27 24.74 0.30
N GLU D 142 -6.94 25.36 1.44
CA GLU D 142 -6.73 24.63 2.69
CA GLU D 142 -6.73 24.63 2.69
C GLU D 142 -8.03 23.99 3.16
N ALA D 143 -8.11 22.66 3.08
CA ALA D 143 -9.27 21.91 3.54
C ALA D 143 -8.82 20.62 4.23
N LYS D 144 -9.64 20.17 5.18
CA LYS D 144 -9.40 18.95 5.94
C LYS D 144 -10.52 17.96 5.68
N VAL D 145 -10.14 16.72 5.37
CA VAL D 145 -11.07 15.65 4.99
C VAL D 145 -10.70 14.41 5.78
N GLN D 146 -11.67 13.86 6.52
CA GLN D 146 -11.43 12.72 7.39
CA GLN D 146 -11.46 12.73 7.42
C GLN D 146 -12.46 11.63 7.15
N TRP D 147 -11.97 10.42 6.91
CA TRP D 147 -12.80 9.24 6.69
C TRP D 147 -13.03 8.52 8.02
N LYS D 148 -14.31 8.29 8.34
CA LYS D 148 -14.69 7.56 9.54
C LYS D 148 -15.58 6.38 9.14
N VAL D 149 -15.22 5.19 9.60
CA VAL D 149 -15.98 3.97 9.35
C VAL D 149 -16.53 3.52 10.70
N ASP D 150 -17.85 3.66 10.88
CA ASP D 150 -18.48 3.52 12.19
C ASP D 150 -17.77 4.38 13.23
N ASN D 151 -17.48 5.62 12.83
CA ASN D 151 -16.86 6.67 13.62
C ASN D 151 -15.39 6.38 13.96
N ALA D 152 -14.82 5.28 13.46
CA ALA D 152 -13.41 5.03 13.65
C ALA D 152 -12.61 5.74 12.57
N LEU D 153 -11.65 6.55 12.98
CA LEU D 153 -10.84 7.30 12.02
C LEU D 153 -9.94 6.37 11.23
N GLN D 154 -9.96 6.53 9.91
CA GLN D 154 -9.20 5.68 9.02
C GLN D 154 -7.87 6.33 8.67
N SER D 155 -6.88 5.48 8.40
CA SER D 155 -5.55 5.92 8.01
C SER D 155 -4.90 4.84 7.15
N GLY D 156 -4.12 5.27 6.18
CA GLY D 156 -3.46 4.35 5.27
C GLY D 156 -4.35 3.71 4.23
N ASN D 157 -5.60 4.13 4.11
CA ASN D 157 -6.53 3.56 3.13
C ASN D 157 -7.20 4.58 2.23
N SER D 158 -6.78 5.84 2.28
CA SER D 158 -7.40 6.91 1.52
C SER D 158 -6.36 7.66 0.71
N GLN D 159 -6.75 8.09 -0.49
CA GLN D 159 -5.92 8.94 -1.32
C GLN D 159 -6.72 10.15 -1.77
N GLU D 160 -6.05 11.30 -1.89
CA GLU D 160 -6.68 12.57 -2.23
C GLU D 160 -6.17 13.06 -3.59
N SER D 161 -7.01 13.86 -4.25
CA SER D 161 -6.64 14.48 -5.52
C SER D 161 -7.31 15.84 -5.61
N VAL D 162 -6.57 16.82 -6.11
CA VAL D 162 -7.04 18.19 -6.22
C VAL D 162 -6.72 18.72 -7.61
N THR D 163 -7.63 19.50 -8.17
CA THR D 163 -7.42 20.09 -9.48
C THR D 163 -6.54 21.34 -9.38
N GLU D 164 -5.94 21.70 -10.51
CA GLU D 164 -5.32 23.01 -10.61
C GLU D 164 -6.38 24.08 -10.44
N GLN D 165 -5.95 25.28 -10.03
CA GLN D 165 -6.88 26.38 -9.85
C GLN D 165 -7.56 26.69 -11.18
N ASP D 166 -8.89 26.72 -11.16
CA ASP D 166 -9.66 26.94 -12.38
C ASP D 166 -9.38 28.33 -12.93
N SER D 167 -9.21 28.41 -14.25
CA SER D 167 -8.89 29.69 -14.87
C SER D 167 -10.04 30.67 -14.72
N LYS D 168 -11.28 30.20 -14.91
CA LYS D 168 -12.40 31.11 -15.02
C LYS D 168 -12.92 31.57 -13.65
N ASP D 169 -13.03 30.65 -12.69
CA ASP D 169 -13.55 31.05 -11.39
C ASP D 169 -12.53 31.01 -10.25
N SER D 170 -11.30 30.57 -10.51
CA SER D 170 -10.21 30.62 -9.52
C SER D 170 -10.51 29.80 -8.28
N THR D 171 -11.30 28.75 -8.42
CA THR D 171 -11.60 27.83 -7.33
C THR D 171 -10.83 26.52 -7.52
N TYR D 172 -10.89 25.70 -6.48
CA TYR D 172 -10.31 24.36 -6.46
C TYR D 172 -11.42 23.34 -6.27
N SER D 173 -11.13 22.10 -6.65
CA SER D 173 -12.00 20.96 -6.37
C SER D 173 -11.14 19.81 -5.89
N LEU D 174 -11.67 19.02 -4.96
CA LEU D 174 -10.90 17.97 -4.30
C LEU D 174 -11.75 16.73 -4.14
N SER D 175 -11.12 15.56 -4.30
CA SER D 175 -11.78 14.28 -4.12
C SER D 175 -10.90 13.38 -3.25
N SER D 176 -11.54 12.68 -2.32
CA SER D 176 -10.87 11.72 -1.45
C SER D 176 -11.57 10.37 -1.61
N THR D 177 -10.78 9.31 -1.80
CA THR D 177 -11.30 7.99 -2.10
C THR D 177 -10.81 6.98 -1.07
N LEU D 178 -11.73 6.53 -0.23
CA LEU D 178 -11.47 5.46 0.73
C LEU D 178 -11.71 4.12 0.04
N THR D 179 -10.70 3.26 0.01
CA THR D 179 -10.79 1.96 -0.64
C THR D 179 -10.61 0.86 0.40
N LEU D 180 -11.63 0.03 0.54
CA LEU D 180 -11.61 -1.12 1.44
C LEU D 180 -11.98 -2.37 0.65
N SER D 181 -11.54 -3.51 1.16
CA SER D 181 -11.94 -4.77 0.55
C SER D 181 -13.42 -5.04 0.87
N LYS D 182 -14.02 -5.93 0.06
CA LYS D 182 -15.42 -6.27 0.26
C LYS D 182 -15.66 -6.82 1.66
N ALA D 183 -14.75 -7.68 2.13
CA ALA D 183 -14.90 -8.25 3.48
C ALA D 183 -14.88 -7.16 4.54
N ASP D 184 -13.86 -6.30 4.51
CA ASP D 184 -13.78 -5.24 5.51
C ASP D 184 -14.93 -4.25 5.37
N TYR D 185 -15.37 -3.99 4.14
CA TYR D 185 -16.49 -3.07 3.94
C TYR D 185 -17.77 -3.64 4.54
N GLU D 186 -17.96 -4.96 4.47
CA GLU D 186 -19.16 -5.60 4.98
C GLU D 186 -19.15 -5.79 6.50
N LYS D 187 -18.08 -5.38 7.18
CA LYS D 187 -17.97 -5.51 8.63
C LYS D 187 -18.40 -4.26 9.36
N HIS D 188 -18.89 -3.24 8.65
CA HIS D 188 -19.26 -1.98 9.28
C HIS D 188 -20.49 -1.41 8.57
N LYS D 189 -21.08 -0.39 9.20
CA LYS D 189 -22.37 0.13 8.77
C LYS D 189 -22.29 1.57 8.26
N VAL D 190 -21.87 2.51 9.11
CA VAL D 190 -21.94 3.93 8.77
C VAL D 190 -20.61 4.37 8.17
N TYR D 191 -20.66 4.93 6.97
CA TYR D 191 -19.50 5.49 6.30
C TYR D 191 -19.75 6.98 6.06
N ALA D 192 -18.74 7.80 6.40
CA ALA D 192 -18.90 9.25 6.37
C ALA D 192 -17.56 9.92 6.12
N CYS D 193 -17.60 11.07 5.46
CA CYS D 193 -16.45 11.95 5.30
C CYS D 193 -16.71 13.26 6.01
N GLU D 194 -15.77 13.65 6.89
CA GLU D 194 -15.87 14.91 7.63
C GLU D 194 -14.94 15.94 7.00
N VAL D 195 -15.48 17.15 6.77
CA VAL D 195 -14.78 18.21 6.05
C VAL D 195 -14.72 19.44 6.94
N THR D 196 -13.52 20.03 7.06
CA THR D 196 -13.31 21.28 7.79
C THR D 196 -12.63 22.27 6.86
N HIS D 197 -13.23 23.46 6.73
CA HIS D 197 -12.76 24.46 5.77
C HIS D 197 -13.41 25.79 6.13
N GLN D 198 -12.66 26.87 5.91
CA GLN D 198 -13.21 28.20 6.14
C GLN D 198 -14.36 28.45 5.17
N GLY D 199 -15.21 29.41 5.53
CA GLY D 199 -16.48 29.60 4.89
C GLY D 199 -17.54 28.59 5.28
N LEU D 200 -17.14 27.52 5.96
CA LEU D 200 -18.06 26.57 6.57
C LEU D 200 -17.95 26.69 8.09
N SER D 201 -19.07 27.04 8.73
CA SER D 201 -19.05 27.32 10.17
C SER D 201 -18.59 26.11 10.96
N SER D 202 -19.12 24.94 10.65
CA SER D 202 -18.83 23.73 11.41
C SER D 202 -18.45 22.60 10.46
N PRO D 203 -17.58 21.69 10.90
CA PRO D 203 -17.26 20.52 10.07
C PRO D 203 -18.49 19.79 9.59
N VAL D 204 -18.66 19.72 8.27
CA VAL D 204 -19.77 19.04 7.65
C VAL D 204 -19.41 17.59 7.44
N THR D 205 -20.29 16.69 7.87
CA THR D 205 -20.14 15.27 7.62
C THR D 205 -21.31 14.79 6.77
N LYS D 206 -20.98 14.20 5.61
CA LYS D 206 -21.95 13.59 4.72
C LYS D 206 -21.76 12.08 4.78
N SER D 207 -22.85 11.36 5.06
CA SER D 207 -22.75 9.96 5.40
CA SER D 207 -22.76 9.95 5.41
C SER D 207 -23.82 9.14 4.69
N PHE D 208 -23.63 7.83 4.71
CA PHE D 208 -24.59 6.85 4.22
C PHE D 208 -24.35 5.55 4.98
N ASN D 209 -25.36 4.69 4.99
CA ASN D 209 -25.26 3.38 5.61
C ASN D 209 -25.07 2.32 4.53
N ARG D 210 -24.28 1.29 4.84
CA ARG D 210 -24.02 0.24 3.88
C ARG D 210 -25.32 -0.47 3.50
N GLY D 211 -25.55 -0.62 2.20
CA GLY D 211 -26.76 -1.23 1.69
C GLY D 211 -27.95 -0.29 1.58
N GLU D 212 -27.81 0.96 2.02
CA GLU D 212 -28.92 1.90 1.95
C GLU D 212 -29.25 2.27 0.51
N CYS D 213 -28.25 2.36 -0.35
CA CYS D 213 -28.46 2.78 -1.73
C CYS D 213 -28.32 1.60 -2.69
N ALA E 2 37.83 18.67 -16.97
CA ALA E 2 37.46 20.06 -16.76
C ALA E 2 36.61 20.23 -15.52
N ASN E 3 36.21 21.47 -15.23
CA ASN E 3 35.23 21.78 -14.21
C ASN E 3 33.86 21.92 -14.84
N PRO E 4 32.79 21.39 -14.24
CA PRO E 4 31.50 21.33 -14.97
C PRO E 4 30.93 22.67 -15.35
N ASN E 5 31.16 23.71 -14.55
CA ASN E 5 30.48 24.98 -14.77
C ASN E 5 31.24 25.93 -15.68
N VAL E 6 32.38 25.51 -16.25
CA VAL E 6 33.12 26.35 -17.18
C VAL E 6 32.43 26.33 -18.53
N ASP E 7 32.90 27.16 -19.47
CA ASP E 7 32.28 27.34 -20.77
C ASP E 7 32.23 26.01 -21.53
N PRO E 8 31.03 25.48 -21.81
CA PRO E 8 30.91 24.22 -22.56
C PRO E 8 30.67 24.40 -24.06
N ASN E 9 30.71 25.64 -24.55
CA ASN E 9 30.35 25.94 -25.92
C ASN E 9 31.62 26.07 -26.76
N ALA E 10 31.42 26.23 -28.07
CA ALA E 10 32.54 26.38 -28.99
C ALA E 10 33.15 27.77 -28.86
N ASN E 11 34.42 27.88 -29.24
CA ASN E 11 35.18 29.12 -29.20
C ASN E 11 35.05 29.83 -27.85
N PRO E 12 35.45 29.17 -26.74
CA PRO E 12 35.26 29.81 -25.43
C PRO E 12 35.93 31.16 -25.29
N ALA F 2 -32.43 -33.11 -3.90
CA ALA F 2 -31.27 -32.22 -3.92
C ALA F 2 -31.35 -31.15 -2.83
N ASN F 3 -31.19 -31.56 -1.57
CA ASN F 3 -31.01 -30.61 -0.48
C ASN F 3 -29.58 -30.73 0.04
N PRO F 4 -28.90 -29.61 0.26
CA PRO F 4 -27.46 -29.68 0.56
C PRO F 4 -27.13 -30.46 1.82
N ASN F 5 -27.97 -30.40 2.85
CA ASN F 5 -27.60 -30.95 4.15
C ASN F 5 -28.10 -32.38 4.38
N VAL F 6 -28.73 -33.00 3.38
CA VAL F 6 -29.17 -34.38 3.55
C VAL F 6 -27.99 -35.32 3.33
N ASP F 7 -28.19 -36.61 3.59
CA ASP F 7 -27.16 -37.64 3.48
C ASP F 7 -26.49 -37.58 2.11
N PRO F 8 -25.21 -37.22 2.07
CA PRO F 8 -24.47 -37.16 0.80
C PRO F 8 -23.74 -38.45 0.43
N ASN F 9 -24.00 -39.54 1.17
CA ASN F 9 -23.22 -40.76 1.06
C ASN F 9 -23.99 -41.82 0.28
N ALA F 10 -23.30 -42.95 0.05
CA ALA F 10 -23.76 -43.93 -0.93
C ALA F 10 -25.07 -44.60 -0.49
N ASN F 11 -25.21 -44.88 0.80
CA ASN F 11 -26.42 -45.57 1.28
C ASN F 11 -27.08 -44.82 2.43
#